data_4D4B
#
_entry.id   4D4B
#
_cell.length_a   83.550
_cell.length_b   85.226
_cell.length_c   102.003
_cell.angle_alpha   90.00
_cell.angle_beta   90.00
_cell.angle_gamma   90.00
#
_symmetry.space_group_name_H-M   'P 21 21 21'
#
loop_
_entity.id
_entity.type
_entity.pdbx_description
1 polymer ALPHA-1,6-MANNANASE
2 branched 'alpha-D-mannopyranose-(1-6)-methyl 1,6-dithio-alpha-D-mannopyranoside'
3 non-polymer 1,2-ETHANEDIOL
4 water water
#
_entity_poly.entity_id   1
_entity_poly.type   'polypeptide(L)'
_entity_poly.pdbx_seq_one_letter_code
;MGSSHHHHHHSSGLEVLFQGPAYTASDGDTAMKAFNDTFWDPNAKMFWKDSKREKHQDFWVEAELWELVMDAYQHTSDPA
LKAELKTQIDDVYDGTVAKYGQDWTNNPFNDDIMWWAMGSARAYQITGNPRYLEAARDHFDFVYDTQWDEEFANGGIWWL
NSDHNTKNACINFPAAQAALYLYDITKDEHYLNAATKIFRWGKTMLTDGNGKVFDRIEIEHGAVPDATHYNQGTYIGSAV
GLYKATGNAVYLDDAVKAAKFTKNHLVDSNGVLNYEGPNGDLKGGKTILMRNLAHLQKTLDETGQYPEFSAEFDEWLAFN
IEMAWSHQNSDHIVDGNWAGQLLSGTYESWSSAAAVQALNGI
;
_entity_poly.pdbx_strand_id   A,B
#
# COMPACT_ATOMS: atom_id res chain seq x y z
N SER A 26 -34.61 -11.74 0.54
CA SER A 26 -34.73 -13.17 0.14
C SER A 26 -33.38 -13.83 -0.19
N ASP A 27 -32.46 -13.12 -0.82
CA ASP A 27 -31.22 -13.75 -1.30
C ASP A 27 -30.37 -14.35 -0.17
N GLY A 28 -30.20 -13.62 0.94
CA GLY A 28 -29.48 -14.17 2.12
C GLY A 28 -30.13 -15.46 2.63
N ASP A 29 -31.47 -15.47 2.66
CA ASP A 29 -32.21 -16.66 3.12
C ASP A 29 -31.99 -17.83 2.17
N THR A 30 -32.14 -17.59 0.88
CA THR A 30 -31.96 -18.63 -0.13
C THR A 30 -30.54 -19.22 -0.07
N ALA A 31 -29.55 -18.33 0.08
CA ALA A 31 -28.16 -18.76 0.16
C ALA A 31 -27.88 -19.62 1.39
N MET A 32 -28.40 -19.20 2.55
CA MET A 32 -28.16 -19.93 3.80
C MET A 32 -28.89 -21.29 3.78
N LYS A 33 -30.15 -21.28 3.30
CA LYS A 33 -30.90 -22.53 3.19
C LYS A 33 -30.18 -23.53 2.28
N ALA A 34 -29.69 -23.05 1.14
CA ALA A 34 -28.97 -23.92 0.22
C ALA A 34 -27.68 -24.47 0.84
N PHE A 35 -26.93 -23.59 1.51
CA PHE A 35 -25.69 -23.99 2.17
C PHE A 35 -25.96 -25.10 3.20
N ASN A 36 -26.99 -24.91 4.02
CA ASN A 36 -27.36 -25.92 5.01
C ASN A 36 -27.82 -27.21 4.33
N ASP A 37 -28.62 -27.09 3.29
CA ASP A 37 -29.08 -28.27 2.57
C ASP A 37 -27.91 -29.12 2.08
N THR A 38 -26.89 -28.41 1.59
CA THR A 38 -25.75 -29.06 0.98
C THR A 38 -24.73 -29.57 1.98
N PHE A 39 -24.52 -28.81 3.06
CA PHE A 39 -23.40 -29.05 3.95
C PHE A 39 -23.70 -29.36 5.40
N TRP A 40 -24.90 -29.06 5.89
CA TRP A 40 -25.20 -29.35 7.29
C TRP A 40 -25.48 -30.84 7.51
N ASP A 41 -24.80 -31.43 8.50
CA ASP A 41 -25.08 -32.80 8.92
C ASP A 41 -25.90 -32.77 10.23
N PRO A 42 -27.22 -33.01 10.14
CA PRO A 42 -28.06 -32.96 11.33
C PRO A 42 -27.78 -34.11 12.31
N ASN A 43 -27.17 -35.20 11.83
CA ASN A 43 -26.87 -36.32 12.71
CA ASN A 43 -26.81 -36.38 12.64
C ASN A 43 -25.67 -36.01 13.59
N ALA A 44 -24.57 -35.55 13.01
CA ALA A 44 -23.39 -35.15 13.80
C ALA A 44 -23.46 -33.73 14.38
N LYS A 45 -24.42 -32.93 13.92
CA LYS A 45 -24.54 -31.51 14.31
C LYS A 45 -23.23 -30.78 14.02
N MET A 46 -22.74 -31.04 12.81
CA MET A 46 -21.55 -30.37 12.27
C MET A 46 -21.73 -30.18 10.79
N PHE A 47 -21.02 -29.23 10.22
CA PHE A 47 -20.96 -29.11 8.77
C PHE A 47 -20.00 -30.14 8.18
N TRP A 48 -20.42 -30.69 7.04
CA TRP A 48 -19.55 -31.49 6.17
C TRP A 48 -18.46 -30.60 5.56
N LYS A 49 -17.27 -31.13 5.42
CA LYS A 49 -16.18 -30.42 4.77
C LYS A 49 -16.43 -30.19 3.28
N ASP A 50 -17.07 -31.17 2.64
CA ASP A 50 -17.44 -30.98 1.23
C ASP A 50 -18.66 -31.82 0.87
N SER A 51 -19.10 -31.68 -0.38
CA SER A 51 -20.32 -32.33 -0.81
C SER A 51 -20.23 -33.85 -0.97
N LYS A 52 -19.05 -34.44 -0.82
CA LYS A 52 -18.96 -35.90 -0.79
CA LYS A 52 -18.92 -35.90 -0.77
C LYS A 52 -19.44 -36.45 0.56
N ARG A 53 -19.53 -35.59 1.59
CA ARG A 53 -20.08 -35.96 2.89
CA ARG A 53 -20.12 -35.97 2.89
C ARG A 53 -19.36 -37.16 3.51
N GLU A 54 -18.03 -37.06 3.52
CA GLU A 54 -17.15 -38.09 4.04
C GLU A 54 -16.27 -37.65 5.20
N LYS A 55 -16.37 -36.36 5.58
CA LYS A 55 -15.51 -35.78 6.60
C LYS A 55 -16.17 -34.47 7.04
N HIS A 56 -16.19 -34.23 8.34
CA HIS A 56 -16.70 -32.97 8.86
C HIS A 56 -15.62 -31.89 8.83
N GLN A 57 -16.11 -30.66 8.91
CA GLN A 57 -15.27 -29.48 8.77
C GLN A 57 -14.22 -29.41 9.88
N ASP A 58 -13.07 -28.83 9.53
CA ASP A 58 -12.00 -28.62 10.51
C ASP A 58 -12.50 -27.78 11.70
N PHE A 59 -11.90 -28.02 12.87
CA PHE A 59 -12.31 -27.34 14.10
C PHE A 59 -12.38 -25.81 13.97
N TRP A 60 -11.30 -25.17 13.51
CA TRP A 60 -11.32 -23.72 13.51
C TRP A 60 -12.32 -23.16 12.54
N VAL A 61 -12.39 -23.81 11.36
CA VAL A 61 -13.29 -23.38 10.35
C VAL A 61 -14.76 -23.52 10.83
N GLU A 62 -15.03 -24.55 11.62
CA GLU A 62 -16.36 -24.75 12.15
C GLU A 62 -16.84 -23.56 13.00
N ALA A 63 -15.91 -22.87 13.70
CA ALA A 63 -16.30 -21.67 14.43
C ALA A 63 -16.75 -20.57 13.48
N GLU A 64 -16.13 -20.52 12.30
CA GLU A 64 -16.44 -19.50 11.29
C GLU A 64 -17.78 -19.77 10.61
N LEU A 65 -18.07 -21.05 10.42
CA LEU A 65 -19.40 -21.46 9.93
C LEU A 65 -20.46 -21.22 11.02
N TRP A 66 -20.09 -21.42 12.28
CA TRP A 66 -20.95 -21.06 13.40
C TRP A 66 -21.34 -19.57 13.33
N GLU A 67 -20.35 -18.71 13.13
CA GLU A 67 -20.64 -17.30 12.99
C GLU A 67 -21.48 -16.98 11.76
N LEU A 68 -21.32 -17.74 10.67
CA LEU A 68 -22.17 -17.58 9.50
C LEU A 68 -23.64 -17.85 9.87
N VAL A 69 -23.90 -18.91 10.63
CA VAL A 69 -25.28 -19.20 11.08
C VAL A 69 -25.81 -18.00 11.87
N MET A 70 -24.97 -17.45 12.75
CA MET A 70 -25.35 -16.31 13.57
C MET A 70 -25.64 -15.09 12.72
N ASP A 71 -24.81 -14.87 11.69
CA ASP A 71 -25.01 -13.71 10.80
C ASP A 71 -26.32 -13.84 9.99
N ALA A 72 -26.62 -15.05 9.54
CA ALA A 72 -27.91 -15.32 8.87
C ALA A 72 -29.08 -15.11 9.82
N TYR A 73 -28.93 -15.60 11.05
CA TYR A 73 -29.91 -15.32 12.10
C TYR A 73 -30.22 -13.82 12.27
N GLN A 74 -29.16 -13.00 12.25
CA GLN A 74 -29.34 -11.56 12.44
C GLN A 74 -29.92 -10.90 11.21
N HIS A 75 -29.58 -11.44 10.04
CA HIS A 75 -29.94 -10.83 8.78
C HIS A 75 -31.38 -11.09 8.36
N THR A 76 -31.88 -12.30 8.62
CA THR A 76 -33.16 -12.74 8.08
C THR A 76 -34.34 -11.98 8.67
N SER A 77 -35.37 -11.84 7.86
CA SER A 77 -36.62 -11.26 8.26
CA SER A 77 -36.64 -11.27 8.31
C SER A 77 -37.72 -12.34 8.29
N ASP A 78 -37.30 -13.60 8.04
CA ASP A 78 -38.27 -14.73 8.04
C ASP A 78 -38.30 -15.41 9.43
N PRO A 79 -39.43 -15.30 10.16
CA PRO A 79 -39.44 -15.82 11.54
C PRO A 79 -39.23 -17.34 11.66
N ALA A 80 -39.73 -18.11 10.69
CA ALA A 80 -39.56 -19.57 10.69
C ALA A 80 -38.08 -19.92 10.54
N LEU A 81 -37.45 -19.31 9.56
CA LEU A 81 -36.03 -19.53 9.33
C LEU A 81 -35.20 -19.03 10.52
N LYS A 82 -35.58 -17.87 11.07
CA LYS A 82 -34.84 -17.29 12.20
C LYS A 82 -34.83 -18.24 13.41
N ALA A 83 -35.98 -18.83 13.73
CA ALA A 83 -36.07 -19.80 14.82
C ALA A 83 -35.20 -21.03 14.55
N GLU A 84 -35.22 -21.50 13.31
CA GLU A 84 -34.41 -22.68 12.91
C GLU A 84 -32.93 -22.38 13.05
N LEU A 85 -32.53 -21.21 12.58
CA LEU A 85 -31.13 -20.77 12.73
C LEU A 85 -30.74 -20.59 14.20
N LYS A 86 -31.63 -20.02 15.01
CA LYS A 86 -31.32 -19.89 16.43
C LYS A 86 -31.07 -21.25 17.10
N THR A 87 -31.91 -22.24 16.78
CA THR A 87 -31.68 -23.60 17.27
C THR A 87 -30.32 -24.14 16.78
N GLN A 88 -30.03 -23.85 15.51
CA GLN A 88 -28.77 -24.29 14.90
C GLN A 88 -27.54 -23.73 15.59
N ILE A 89 -27.64 -22.50 16.09
CA ILE A 89 -26.55 -21.95 16.89
C ILE A 89 -26.20 -22.88 18.04
N ASP A 90 -27.20 -23.39 18.75
CA ASP A 90 -26.93 -24.32 19.84
C ASP A 90 -26.41 -25.66 19.34
N ASP A 91 -27.00 -26.16 18.25
CA ASP A 91 -26.62 -27.46 17.73
C ASP A 91 -25.18 -27.52 17.22
N VAL A 92 -24.70 -26.43 16.63
CA VAL A 92 -23.29 -26.38 16.17
C VAL A 92 -22.35 -26.54 17.36
N TYR A 93 -22.63 -25.82 18.44
CA TYR A 93 -21.82 -25.96 19.64
C TYR A 93 -21.87 -27.40 20.19
N ASP A 94 -23.08 -27.94 20.29
CA ASP A 94 -23.28 -29.29 20.81
C ASP A 94 -22.50 -30.33 19.99
N GLY A 95 -22.56 -30.23 18.67
CA GLY A 95 -21.87 -31.21 17.83
C GLY A 95 -20.37 -31.13 17.99
N THR A 96 -19.86 -29.91 18.11
CA THR A 96 -18.45 -29.72 18.32
C THR A 96 -18.01 -30.22 19.70
N VAL A 97 -18.79 -29.90 20.72
CA VAL A 97 -18.46 -30.35 22.08
C VAL A 97 -18.52 -31.88 22.15
N ALA A 98 -19.45 -32.51 21.43
CA ALA A 98 -19.54 -33.97 21.44
C ALA A 98 -18.26 -34.61 20.91
N LYS A 99 -17.62 -33.96 19.94
CA LYS A 99 -16.43 -34.49 19.28
C LYS A 99 -15.12 -34.00 19.93
N TYR A 100 -15.12 -32.74 20.42
CA TYR A 100 -13.89 -32.07 20.84
C TYR A 100 -13.85 -31.67 22.33
N GLY A 101 -14.94 -31.87 23.07
CA GLY A 101 -15.04 -31.41 24.46
C GLY A 101 -15.44 -29.94 24.62
N GLN A 102 -15.68 -29.53 25.86
CA GLN A 102 -16.00 -28.12 26.19
C GLN A 102 -14.75 -27.28 26.49
N ASP A 103 -13.68 -27.95 26.89
CA ASP A 103 -12.44 -27.28 27.28
C ASP A 103 -11.46 -27.46 26.13
N TRP A 104 -11.29 -26.39 25.36
CA TRP A 104 -10.43 -26.41 24.20
C TRP A 104 -8.99 -26.03 24.49
N THR A 105 -8.64 -25.89 25.76
CA THR A 105 -7.32 -25.37 26.09
C THR A 105 -6.21 -26.40 25.91
N ASN A 106 -6.58 -27.66 25.64
CA ASN A 106 -5.68 -28.74 25.20
C ASN A 106 -5.24 -28.66 23.74
N ASN A 107 -5.93 -27.82 22.97
CA ASN A 107 -5.58 -27.59 21.57
C ASN A 107 -4.32 -26.70 21.56
N PRO A 108 -3.25 -27.12 20.85
CA PRO A 108 -2.01 -26.34 20.83
C PRO A 108 -2.11 -25.05 20.03
N PHE A 109 -3.17 -24.89 19.24
CA PHE A 109 -3.34 -23.69 18.41
C PHE A 109 -4.13 -22.64 19.18
N ASN A 110 -3.45 -21.54 19.55
CA ASN A 110 -4.15 -20.48 20.25
C ASN A 110 -5.20 -19.81 19.39
N ASP A 111 -4.95 -19.71 18.08
CA ASP A 111 -5.94 -19.19 17.18
C ASP A 111 -7.21 -20.05 17.18
N ASP A 112 -7.07 -21.38 17.11
CA ASP A 112 -8.24 -22.23 17.16
C ASP A 112 -9.10 -21.91 18.40
N ILE A 113 -8.44 -21.78 19.54
CA ILE A 113 -9.13 -21.48 20.80
C ILE A 113 -9.85 -20.14 20.69
N MET A 114 -9.15 -19.12 20.17
CA MET A 114 -9.73 -17.79 20.09
C MET A 114 -10.87 -17.67 19.10
N TRP A 115 -10.81 -18.38 17.98
CA TRP A 115 -11.93 -18.34 17.06
C TRP A 115 -13.22 -18.85 17.77
N TRP A 116 -13.08 -19.92 18.54
CA TRP A 116 -14.20 -20.45 19.31
C TRP A 116 -14.60 -19.54 20.48
N ALA A 117 -13.64 -18.88 21.12
CA ALA A 117 -14.00 -17.94 22.17
C ALA A 117 -14.81 -16.76 21.61
N MET A 118 -14.42 -16.26 20.44
CA MET A 118 -15.13 -15.16 19.80
C MET A 118 -16.53 -15.62 19.41
N GLY A 119 -16.64 -16.79 18.79
CA GLY A 119 -17.94 -17.31 18.41
C GLY A 119 -18.81 -17.45 19.66
N SER A 120 -18.23 -17.94 20.75
CA SER A 120 -18.99 -18.15 21.99
C SER A 120 -19.53 -16.85 22.57
N ALA A 121 -18.72 -15.79 22.50
CA ALA A 121 -19.18 -14.49 22.95
C ALA A 121 -20.40 -14.06 22.16
N ARG A 122 -20.34 -14.21 20.84
CA ARG A 122 -21.48 -13.87 19.99
C ARG A 122 -22.71 -14.74 20.27
N ALA A 123 -22.49 -16.04 20.52
CA ALA A 123 -23.60 -16.97 20.80
C ALA A 123 -24.29 -16.55 22.10
N TYR A 124 -23.50 -16.10 23.07
CA TYR A 124 -24.05 -15.59 24.34
C TYR A 124 -24.96 -14.40 24.10
N GLN A 125 -24.47 -13.47 23.30
CA GLN A 125 -25.26 -12.28 22.97
C GLN A 125 -26.61 -12.64 22.34
N ILE A 126 -26.62 -13.67 21.50
CA ILE A 126 -27.86 -14.07 20.83
C ILE A 126 -28.80 -14.89 21.72
N THR A 127 -28.25 -15.81 22.51
CA THR A 127 -29.06 -16.81 23.24
C THR A 127 -29.22 -16.58 24.74
N GLY A 128 -28.23 -15.96 25.39
CA GLY A 128 -28.24 -15.82 26.85
C GLY A 128 -27.85 -17.09 27.61
N ASN A 129 -27.36 -18.13 26.92
CA ASN A 129 -27.10 -19.42 27.59
C ASN A 129 -25.73 -19.26 28.28
N PRO A 130 -25.72 -19.47 29.62
CA PRO A 130 -24.50 -19.28 30.44
C PRO A 130 -23.29 -20.01 29.95
N ARG A 131 -23.48 -21.19 29.38
CA ARG A 131 -22.36 -21.96 28.90
C ARG A 131 -21.50 -21.15 27.92
N TYR A 132 -22.10 -20.25 27.13
CA TYR A 132 -21.34 -19.50 26.10
C TYR A 132 -20.51 -18.38 26.69
N LEU A 133 -21.03 -17.67 27.69
CA LEU A 133 -20.23 -16.62 28.34
C LEU A 133 -19.04 -17.21 29.08
N GLU A 134 -19.28 -18.31 29.79
CA GLU A 134 -18.21 -19.05 30.46
C GLU A 134 -17.16 -19.55 29.45
N ALA A 135 -17.61 -20.15 28.34
CA ALA A 135 -16.70 -20.60 27.29
C ALA A 135 -15.85 -19.44 26.75
N ALA A 136 -16.52 -18.33 26.44
CA ALA A 136 -15.80 -17.18 25.90
C ALA A 136 -14.77 -16.61 26.88
N ARG A 137 -15.20 -16.35 28.09
CA ARG A 137 -14.34 -15.72 29.06
C ARG A 137 -13.19 -16.64 29.48
N ASP A 138 -13.49 -17.92 29.70
CA ASP A 138 -12.46 -18.84 30.19
C ASP A 138 -11.38 -19.03 29.11
N HIS A 139 -11.82 -19.20 27.88
CA HIS A 139 -10.84 -19.42 26.80
C HIS A 139 -10.07 -18.16 26.41
N PHE A 140 -10.74 -17.00 26.38
CA PHE A 140 -10.04 -15.73 26.15
C PHE A 140 -8.99 -15.55 27.24
N ASP A 141 -9.38 -15.76 28.50
CA ASP A 141 -8.42 -15.56 29.59
C ASP A 141 -7.22 -16.48 29.49
N PHE A 142 -7.46 -17.75 29.17
CA PHE A 142 -6.34 -18.69 29.00
C PHE A 142 -5.33 -18.13 28.00
N VAL A 143 -5.82 -17.69 26.85
CA VAL A 143 -4.88 -17.25 25.81
C VAL A 143 -4.25 -15.91 26.18
N TYR A 144 -5.05 -14.91 26.53
CA TYR A 144 -4.48 -13.58 26.78
C TYR A 144 -3.58 -13.58 28.02
N ASP A 145 -4.00 -14.27 29.07
CA ASP A 145 -3.28 -14.19 30.36
C ASP A 145 -2.01 -15.02 30.34
N THR A 146 -1.94 -16.05 29.49
CA THR A 146 -0.76 -16.92 29.49
C THR A 146 0.07 -16.91 28.21
N GLN A 147 -0.48 -16.37 27.12
CA GLN A 147 0.18 -16.45 25.81
C GLN A 147 0.58 -15.09 25.25
N TRP A 148 0.33 -14.01 25.99
CA TRP A 148 0.90 -12.70 25.66
C TRP A 148 2.33 -12.66 26.17
N ASP A 149 3.21 -12.10 25.36
CA ASP A 149 4.60 -11.94 25.74
C ASP A 149 5.13 -10.60 25.27
N GLU A 150 5.83 -9.88 26.16
CA GLU A 150 6.39 -8.57 25.88
C GLU A 150 7.80 -8.63 25.32
N GLU A 151 8.49 -9.76 25.48
CA GLU A 151 9.92 -9.80 25.16
CA GLU A 151 9.89 -9.78 25.15
C GLU A 151 10.13 -9.87 23.64
N PHE A 152 9.67 -10.94 23.01
CA PHE A 152 9.81 -11.06 21.55
C PHE A 152 8.90 -10.12 20.81
N ALA A 153 9.50 -9.32 19.94
CA ALA A 153 8.73 -8.36 19.12
C ALA A 153 7.95 -7.34 19.95
N ASN A 154 8.35 -7.15 21.20
CA ASN A 154 7.81 -6.08 22.03
C ASN A 154 6.31 -6.22 22.39
N GLY A 155 5.78 -7.45 22.28
CA GLY A 155 4.38 -7.68 22.57
C GLY A 155 3.86 -8.81 21.73
N GLY A 156 2.55 -9.02 21.83
CA GLY A 156 1.81 -9.96 20.99
C GLY A 156 1.59 -11.31 21.60
N ILE A 157 0.55 -11.96 21.09
CA ILE A 157 0.17 -13.31 21.48
C ILE A 157 0.82 -14.34 20.55
N TRP A 158 1.41 -15.39 21.13
CA TRP A 158 1.95 -16.52 20.39
C TRP A 158 0.86 -17.23 19.60
N TRP A 159 1.24 -17.72 18.41
CA TRP A 159 0.36 -18.56 17.61
C TRP A 159 -0.04 -19.86 18.33
N LEU A 160 0.94 -20.54 18.92
CA LEU A 160 0.75 -21.84 19.58
C LEU A 160 1.03 -21.73 21.07
N ASN A 161 0.39 -22.61 21.83
CA ASN A 161 0.74 -22.74 23.25
C ASN A 161 1.73 -23.89 23.49
N SER A 162 2.07 -24.64 22.45
CA SER A 162 3.10 -25.65 22.56
C SER A 162 4.46 -24.97 22.37
N ASP A 163 4.81 -24.66 21.14
CA ASP A 163 6.08 -24.03 20.80
C ASP A 163 5.83 -22.54 20.63
N HIS A 164 6.78 -21.73 21.07
CA HIS A 164 6.70 -20.27 20.97
C HIS A 164 7.71 -19.76 19.95
N ASN A 165 7.34 -19.81 18.67
CA ASN A 165 8.22 -19.38 17.59
C ASN A 165 7.68 -18.27 16.71
N THR A 166 6.38 -17.97 16.81
CA THR A 166 5.80 -16.98 15.94
CA THR A 166 5.76 -16.99 15.90
C THR A 166 4.58 -16.34 16.58
N LYS A 167 4.35 -15.08 16.22
CA LYS A 167 3.19 -14.32 16.69
C LYS A 167 2.47 -13.85 15.42
N ASN A 168 1.15 -14.14 15.33
CA ASN A 168 0.50 -14.11 14.03
C ASN A 168 -0.74 -13.19 14.04
N ALA A 169 -1.03 -12.62 12.88
CA ALA A 169 -2.27 -11.83 12.74
C ALA A 169 -3.52 -12.66 13.04
N CYS A 170 -3.47 -13.95 12.71
CA CYS A 170 -4.64 -14.84 12.83
C CYS A 170 -4.98 -15.21 14.26
N ILE A 171 -4.11 -14.93 15.21
CA ILE A 171 -4.47 -14.95 16.63
C ILE A 171 -4.65 -13.55 17.18
N ASN A 172 -3.77 -12.61 16.87
CA ASN A 172 -3.84 -11.32 17.52
C ASN A 172 -5.06 -10.49 17.19
N PHE A 173 -5.43 -10.36 15.91
CA PHE A 173 -6.62 -9.53 15.66
C PHE A 173 -7.91 -10.19 16.10
N PRO A 174 -8.08 -11.51 15.90
CA PRO A 174 -9.25 -12.17 16.50
C PRO A 174 -9.29 -12.01 18.00
N ALA A 175 -8.14 -12.00 18.69
CA ALA A 175 -8.16 -11.81 20.12
C ALA A 175 -8.66 -10.40 20.49
N ALA A 176 -8.24 -9.39 19.74
CA ALA A 176 -8.77 -8.06 19.96
C ALA A 176 -10.27 -8.04 19.75
N GLN A 177 -10.76 -8.71 18.71
CA GLN A 177 -12.20 -8.80 18.48
C GLN A 177 -12.93 -9.47 19.62
N ALA A 178 -12.42 -10.60 20.08
CA ALA A 178 -13.03 -11.32 21.18
C ALA A 178 -13.10 -10.43 22.42
N ALA A 179 -12.02 -9.70 22.67
CA ALA A 179 -11.99 -8.78 23.81
C ALA A 179 -13.05 -7.69 23.68
N LEU A 180 -13.24 -7.18 22.48
CA LEU A 180 -14.28 -6.18 22.25
C LEU A 180 -15.67 -6.75 22.47
N TYR A 181 -15.95 -7.97 22.03
CA TYR A 181 -17.27 -8.56 22.35
C TYR A 181 -17.42 -8.71 23.87
N LEU A 182 -16.38 -9.19 24.55
CA LEU A 182 -16.46 -9.41 26.00
C LEU A 182 -16.64 -8.10 26.75
N TYR A 183 -15.99 -7.05 26.27
CA TYR A 183 -16.21 -5.70 26.82
C TYR A 183 -17.65 -5.29 26.66
N ASP A 184 -18.21 -5.49 25.48
CA ASP A 184 -19.60 -5.13 25.22
C ASP A 184 -20.57 -5.86 26.17
N ILE A 185 -20.32 -7.14 26.40
CA ILE A 185 -21.18 -7.98 27.23
C ILE A 185 -21.06 -7.57 28.69
N THR A 186 -19.83 -7.46 29.17
CA THR A 186 -19.55 -7.32 30.60
C THR A 186 -19.37 -5.89 31.10
N LYS A 187 -19.01 -4.98 30.20
CA LYS A 187 -18.61 -3.58 30.51
C LYS A 187 -17.35 -3.49 31.40
N ASP A 188 -16.61 -4.59 31.50
CA ASP A 188 -15.40 -4.66 32.29
C ASP A 188 -14.25 -4.06 31.47
N GLU A 189 -13.69 -2.97 31.98
CA GLU A 189 -12.67 -2.20 31.26
C GLU A 189 -11.46 -3.08 30.96
N HIS A 190 -11.27 -4.13 31.75
CA HIS A 190 -10.22 -5.10 31.47
C HIS A 190 -10.18 -5.53 30.01
N TYR A 191 -11.35 -5.83 29.47
CA TYR A 191 -11.43 -6.29 28.10
C TYR A 191 -11.17 -5.19 27.07
N LEU A 192 -11.65 -3.96 27.33
CA LEU A 192 -11.33 -2.87 26.41
C LEU A 192 -9.82 -2.58 26.43
N ASN A 193 -9.23 -2.61 27.62
CA ASN A 193 -7.80 -2.40 27.75
C ASN A 193 -7.00 -3.46 26.99
N ALA A 194 -7.46 -4.73 27.09
CA ALA A 194 -6.82 -5.80 26.34
C ALA A 194 -6.93 -5.53 24.84
N ALA A 195 -8.13 -5.19 24.34
CA ALA A 195 -8.29 -4.92 22.91
C ALA A 195 -7.37 -3.81 22.43
N THR A 196 -7.29 -2.75 23.22
N THR A 196 -7.28 -2.74 23.22
CA THR A 196 -6.47 -1.60 22.88
CA THR A 196 -6.47 -1.60 22.83
C THR A 196 -4.99 -1.95 22.79
C THR A 196 -4.98 -1.94 22.79
N LYS A 197 -4.52 -2.71 23.78
CA LYS A 197 -3.12 -3.13 23.84
C LYS A 197 -2.76 -4.08 22.71
N ILE A 198 -3.60 -5.09 22.49
CA ILE A 198 -3.38 -6.06 21.41
C ILE A 198 -3.35 -5.34 20.05
N PHE A 199 -4.36 -4.49 19.81
CA PHE A 199 -4.44 -3.81 18.52
C PHE A 199 -3.29 -2.84 18.29
N ARG A 200 -2.90 -2.11 19.32
CA ARG A 200 -1.75 -1.21 19.17
C ARG A 200 -0.50 -1.97 18.75
N TRP A 201 -0.23 -3.09 19.42
CA TRP A 201 0.90 -3.90 19.06
C TRP A 201 0.77 -4.40 17.63
N GLY A 202 -0.42 -4.90 17.30
CA GLY A 202 -0.61 -5.48 15.98
C GLY A 202 -0.50 -4.45 14.84
N LYS A 203 -1.04 -3.25 15.07
CA LYS A 203 -0.88 -2.20 14.08
C LYS A 203 0.59 -1.85 13.88
N THR A 204 1.33 -1.78 14.97
CA THR A 204 2.74 -1.39 14.90
C THR A 204 3.65 -2.47 14.29
N MET A 205 3.44 -3.73 14.70
CA MET A 205 4.34 -4.82 14.37
C MET A 205 3.86 -5.71 13.23
N LEU A 206 2.54 -5.73 12.99
CA LEU A 206 1.95 -6.59 11.97
C LEU A 206 1.28 -5.83 10.84
N THR A 207 1.58 -4.55 10.68
CA THR A 207 1.14 -3.86 9.48
C THR A 207 2.20 -2.90 9.01
N ASP A 208 2.05 -2.39 7.79
CA ASP A 208 2.91 -1.36 7.26
C ASP A 208 2.49 0.07 7.64
N GLY A 209 1.45 0.22 8.47
CA GLY A 209 0.94 1.53 8.79
C GLY A 209 -0.03 2.12 7.79
N ASN A 210 -0.20 1.46 6.65
CA ASN A 210 -1.08 1.94 5.60
C ASN A 210 -2.01 0.83 5.13
N GLY A 211 -2.37 -0.03 6.08
CA GLY A 211 -3.45 -0.97 5.83
C GLY A 211 -3.06 -2.34 5.31
N LYS A 212 -1.78 -2.58 5.01
CA LYS A 212 -1.34 -3.91 4.64
C LYS A 212 -1.02 -4.69 5.91
N VAL A 213 -1.77 -5.79 6.14
CA VAL A 213 -1.60 -6.58 7.37
C VAL A 213 -0.68 -7.76 7.05
N PHE A 214 0.38 -7.90 7.84
CA PHE A 214 1.35 -8.96 7.66
C PHE A 214 0.87 -10.26 8.31
N ASP A 215 1.30 -11.40 7.79
CA ASP A 215 0.84 -12.67 8.28
C ASP A 215 1.31 -12.91 9.71
N ARG A 216 2.60 -12.67 9.98
CA ARG A 216 3.19 -13.10 11.24
C ARG A 216 4.56 -12.50 11.40
N ILE A 217 5.11 -12.65 12.61
CA ILE A 217 6.53 -12.39 12.87
C ILE A 217 7.14 -13.65 13.43
N GLU A 218 8.18 -14.12 12.77
CA GLU A 218 8.86 -15.35 13.14
C GLU A 218 10.12 -15.06 13.92
N ILE A 219 10.30 -15.73 15.05
CA ILE A 219 11.51 -15.50 15.84
C ILE A 219 12.69 -15.95 14.99
N GLU A 220 13.76 -15.14 15.09
CA GLU A 220 15.01 -15.35 14.34
C GLU A 220 14.90 -14.99 12.87
N HIS A 221 13.77 -14.44 12.45
CA HIS A 221 13.61 -13.99 11.09
C HIS A 221 13.06 -12.57 11.02
N GLY A 222 11.91 -12.34 11.64
CA GLY A 222 11.23 -11.06 11.55
C GLY A 222 9.88 -11.20 10.88
N ALA A 223 9.35 -10.08 10.42
CA ALA A 223 8.03 -10.05 9.81
C ALA A 223 7.98 -10.82 8.49
N VAL A 224 6.84 -11.46 8.23
CA VAL A 224 6.53 -12.12 6.95
C VAL A 224 5.37 -11.33 6.36
N PRO A 225 5.67 -10.44 5.40
CA PRO A 225 4.67 -9.44 4.97
C PRO A 225 3.75 -9.96 3.87
N ASP A 226 3.16 -11.12 4.11
CA ASP A 226 2.24 -11.76 3.22
C ASP A 226 0.83 -11.43 3.66
N ALA A 227 0.09 -10.68 2.85
CA ALA A 227 -1.27 -10.27 3.22
C ALA A 227 -2.31 -11.22 2.65
N THR A 228 -3.39 -11.41 3.40
CA THR A 228 -4.46 -12.31 3.02
C THR A 228 -5.81 -11.74 3.44
N HIS A 229 -6.86 -12.24 2.81
CA HIS A 229 -8.20 -11.75 3.11
C HIS A 229 -8.61 -11.84 4.56
N TYR A 230 -8.37 -12.98 5.21
CA TYR A 230 -8.90 -13.11 6.56
C TYR A 230 -8.19 -12.23 7.55
N ASN A 231 -6.91 -11.94 7.36
CA ASN A 231 -6.21 -11.04 8.26
C ASN A 231 -6.52 -9.58 7.99
N GLN A 232 -6.76 -9.20 6.73
CA GLN A 232 -7.33 -7.88 6.50
C GLN A 232 -8.65 -7.77 7.25
N GLY A 233 -9.46 -8.82 7.18
CA GLY A 233 -10.78 -8.78 7.80
C GLY A 233 -10.78 -8.59 9.29
N THR A 234 -9.99 -9.38 10.02
CA THR A 234 -10.02 -9.27 11.47
C THR A 234 -9.35 -7.96 11.94
N TYR A 235 -8.36 -7.46 11.22
CA TYR A 235 -7.82 -6.13 11.50
C TYR A 235 -8.92 -5.09 11.34
N ILE A 236 -9.65 -5.12 10.23
CA ILE A 236 -10.71 -4.14 10.00
C ILE A 236 -11.80 -4.23 11.05
N GLY A 237 -12.22 -5.45 11.40
CA GLY A 237 -13.27 -5.57 12.39
C GLY A 237 -12.82 -5.08 13.76
N SER A 238 -11.61 -5.42 14.17
CA SER A 238 -11.15 -4.92 15.46
CA SER A 238 -10.99 -4.90 15.41
C SER A 238 -10.98 -3.39 15.44
N ALA A 239 -10.53 -2.82 14.34
CA ALA A 239 -10.42 -1.36 14.26
C ALA A 239 -11.81 -0.72 14.38
N VAL A 240 -12.80 -1.23 13.65
CA VAL A 240 -14.15 -0.66 13.72
C VAL A 240 -14.68 -0.80 15.15
N GLY A 241 -14.47 -1.94 15.77
CA GLY A 241 -14.95 -2.12 17.14
C GLY A 241 -14.27 -1.17 18.10
N LEU A 242 -12.99 -0.92 17.94
CA LEU A 242 -12.28 0.01 18.79
C LEU A 242 -12.74 1.45 18.55
N TYR A 243 -12.99 1.82 17.30
CA TYR A 243 -13.56 3.13 17.00
C TYR A 243 -14.83 3.34 17.80
N LYS A 244 -15.71 2.36 17.75
CA LYS A 244 -16.98 2.47 18.43
C LYS A 244 -16.84 2.51 19.94
N ALA A 245 -15.92 1.73 20.50
CA ALA A 245 -15.77 1.64 21.94
C ALA A 245 -15.09 2.84 22.53
N THR A 246 -14.18 3.47 21.80
CA THR A 246 -13.29 4.51 22.35
C THR A 246 -13.63 5.93 21.88
N GLY A 247 -14.34 6.05 20.77
CA GLY A 247 -14.59 7.36 20.17
C GLY A 247 -13.38 8.01 19.52
N ASN A 248 -12.32 7.23 19.28
CA ASN A 248 -11.08 7.74 18.67
C ASN A 248 -11.12 7.47 17.18
N ALA A 249 -11.23 8.53 16.39
CA ALA A 249 -11.39 8.44 14.95
C ALA A 249 -10.17 7.79 14.28
N VAL A 250 -9.00 7.76 14.92
CA VAL A 250 -7.84 7.13 14.30
C VAL A 250 -8.16 5.66 13.95
N TYR A 251 -8.96 5.00 14.78
CA TYR A 251 -9.30 3.61 14.50
C TYR A 251 -10.16 3.45 13.25
N LEU A 252 -11.06 4.39 12.99
CA LEU A 252 -11.85 4.35 11.76
C LEU A 252 -10.92 4.55 10.56
N ASP A 253 -10.00 5.49 10.68
CA ASP A 253 -9.02 5.68 9.64
C ASP A 253 -8.22 4.41 9.37
N ASP A 254 -7.79 3.74 10.44
CA ASP A 254 -7.08 2.48 10.33
C ASP A 254 -7.88 1.47 9.50
N ALA A 255 -9.17 1.35 9.80
CA ALA A 255 -10.03 0.41 9.10
C ALA A 255 -10.16 0.77 7.62
N VAL A 256 -10.34 2.06 7.34
CA VAL A 256 -10.48 2.49 5.97
C VAL A 256 -9.22 2.18 5.16
N LYS A 257 -8.05 2.45 5.71
CA LYS A 257 -6.83 2.18 4.98
C LYS A 257 -6.71 0.67 4.67
N ALA A 258 -7.07 -0.19 5.62
CA ALA A 258 -7.01 -1.63 5.36
C ALA A 258 -8.04 -2.08 4.33
N ALA A 259 -9.21 -1.46 4.31
CA ALA A 259 -10.23 -1.78 3.31
C ALA A 259 -9.76 -1.34 1.91
N LYS A 260 -9.19 -0.14 1.83
CA LYS A 260 -8.63 0.36 0.58
C LYS A 260 -7.54 -0.58 0.07
N PHE A 261 -6.65 -0.99 0.97
CA PHE A 261 -5.60 -1.91 0.56
C PHE A 261 -6.20 -3.17 -0.06
N THR A 262 -7.20 -3.73 0.63
CA THR A 262 -7.85 -4.94 0.18
C THR A 262 -8.46 -4.78 -1.21
N LYS A 263 -9.22 -3.71 -1.38
CA LYS A 263 -9.91 -3.40 -2.62
C LYS A 263 -8.96 -3.20 -3.79
N ASN A 264 -7.76 -2.67 -3.54
CA ASN A 264 -6.83 -2.38 -4.61
C ASN A 264 -5.74 -3.45 -4.83
N HIS A 265 -5.50 -4.28 -3.82
CA HIS A 265 -4.33 -5.15 -3.83
C HIS A 265 -4.57 -6.61 -3.52
N LEU A 266 -5.80 -7.00 -3.16
CA LEU A 266 -6.12 -8.40 -2.99
C LEU A 266 -7.29 -8.82 -3.91
N VAL A 267 -7.25 -8.24 -5.10
CA VAL A 267 -8.24 -8.44 -6.15
C VAL A 267 -7.56 -8.82 -7.47
N ASP A 268 -8.36 -9.35 -8.39
CA ASP A 268 -7.89 -9.56 -9.73
C ASP A 268 -7.96 -8.26 -10.53
N SER A 269 -7.65 -8.32 -11.82
CA SER A 269 -7.58 -7.13 -12.67
CA SER A 269 -7.58 -7.10 -12.65
C SER A 269 -8.93 -6.45 -12.91
N ASN A 270 -10.02 -7.15 -12.60
CA ASN A 270 -11.36 -6.57 -12.68
C ASN A 270 -11.91 -6.10 -11.34
N GLY A 271 -11.12 -6.24 -10.28
CA GLY A 271 -11.56 -5.80 -8.95
C GLY A 271 -12.33 -6.84 -8.15
N VAL A 272 -12.38 -8.08 -8.64
CA VAL A 272 -13.03 -9.14 -7.88
C VAL A 272 -12.02 -9.71 -6.90
N LEU A 273 -12.43 -9.83 -5.65
CA LEU A 273 -11.56 -10.44 -4.63
C LEU A 273 -10.98 -11.75 -5.15
N ASN A 274 -9.68 -11.94 -4.93
CA ASN A 274 -9.05 -13.05 -5.60
CA ASN A 274 -8.77 -13.04 -5.31
C ASN A 274 -9.18 -14.39 -4.82
N TYR A 275 -8.62 -15.43 -5.44
CA TYR A 275 -8.66 -16.78 -4.93
C TYR A 275 -7.31 -17.10 -4.29
N GLU A 276 -7.35 -17.58 -3.05
CA GLU A 276 -6.16 -17.83 -2.27
C GLU A 276 -5.81 -19.31 -2.11
N GLY A 277 -6.44 -20.19 -2.88
CA GLY A 277 -6.04 -21.61 -2.91
C GLY A 277 -4.63 -21.75 -3.48
N PRO A 278 -4.01 -22.90 -3.30
CA PRO A 278 -4.66 -24.11 -2.84
C PRO A 278 -4.67 -24.32 -1.34
N ASN A 279 -4.02 -23.45 -0.56
CA ASN A 279 -4.03 -23.62 0.88
C ASN A 279 -5.47 -23.72 1.41
N GLY A 280 -5.76 -24.79 2.13
CA GLY A 280 -7.12 -25.05 2.60
C GLY A 280 -7.65 -24.05 3.60
N ASP A 281 -6.75 -23.51 4.42
CA ASP A 281 -7.16 -22.52 5.41
C ASP A 281 -7.48 -21.19 4.74
N LEU A 282 -6.72 -20.82 3.72
CA LEU A 282 -6.91 -19.53 3.06
C LEU A 282 -8.06 -19.55 2.07
N LYS A 283 -8.39 -20.73 1.53
CA LYS A 283 -9.34 -20.80 0.43
C LYS A 283 -10.68 -20.13 0.72
N GLY A 284 -11.15 -20.28 1.96
CA GLY A 284 -12.41 -19.71 2.40
C GLY A 284 -12.32 -18.36 3.08
N GLY A 285 -11.14 -17.73 3.07
CA GLY A 285 -10.93 -16.53 3.87
C GLY A 285 -11.79 -15.34 3.51
N LYS A 286 -12.32 -15.30 2.30
CA LYS A 286 -13.28 -14.25 1.93
C LYS A 286 -14.47 -14.24 2.88
N THR A 287 -14.77 -15.38 3.50
CA THR A 287 -15.87 -15.42 4.47
C THR A 287 -15.63 -14.44 5.64
N ILE A 288 -14.44 -14.54 6.22
CA ILE A 288 -14.06 -13.67 7.33
C ILE A 288 -13.94 -12.23 6.84
N LEU A 289 -13.34 -12.04 5.67
CA LEU A 289 -13.21 -10.69 5.12
C LEU A 289 -14.60 -10.04 4.98
N MET A 290 -15.53 -10.72 4.32
CA MET A 290 -16.83 -10.11 4.04
C MET A 290 -17.57 -9.81 5.34
N ARG A 291 -17.47 -10.69 6.32
CA ARG A 291 -18.12 -10.47 7.61
C ARG A 291 -17.70 -9.10 8.17
N ASN A 292 -16.40 -8.82 8.12
CA ASN A 292 -15.84 -7.61 8.71
C ASN A 292 -15.97 -6.39 7.83
N LEU A 293 -15.89 -6.55 6.50
CA LEU A 293 -16.18 -5.43 5.60
C LEU A 293 -17.59 -4.90 5.82
N ALA A 294 -18.52 -5.79 6.17
CA ALA A 294 -19.90 -5.33 6.44
C ALA A 294 -19.97 -4.41 7.66
N HIS A 295 -19.13 -4.67 8.66
CA HIS A 295 -19.07 -3.78 9.83
C HIS A 295 -18.62 -2.38 9.44
N LEU A 296 -17.59 -2.31 8.62
CA LEU A 296 -17.10 -1.02 8.15
C LEU A 296 -18.16 -0.32 7.28
N GLN A 297 -18.81 -1.09 6.40
CA GLN A 297 -19.80 -0.54 5.49
C GLN A 297 -20.90 0.12 6.31
N LYS A 298 -21.37 -0.59 7.33
CA LYS A 298 -22.44 -0.08 8.17
C LYS A 298 -22.03 1.21 8.90
N THR A 299 -20.84 1.19 9.48
CA THR A 299 -20.35 2.35 10.25
C THR A 299 -20.18 3.57 9.34
N LEU A 300 -19.63 3.40 8.14
CA LEU A 300 -19.49 4.52 7.22
C LEU A 300 -20.84 5.03 6.75
N ASP A 301 -21.72 4.10 6.40
CA ASP A 301 -23.07 4.49 5.95
C ASP A 301 -23.81 5.33 7.03
N GLU A 302 -23.70 4.83 8.27
CA GLU A 302 -24.39 5.42 9.41
C GLU A 302 -23.83 6.78 9.85
N THR A 303 -22.52 6.87 9.96
CA THR A 303 -21.85 8.06 10.50
C THR A 303 -21.69 9.17 9.48
N GLY A 304 -21.74 8.80 8.21
CA GLY A 304 -21.41 9.71 7.11
C GLY A 304 -19.95 10.08 6.95
N GLN A 305 -19.07 9.44 7.71
CA GLN A 305 -17.64 9.67 7.58
C GLN A 305 -17.12 9.06 6.27
N TYR A 306 -16.03 9.61 5.75
CA TYR A 306 -15.43 9.14 4.48
C TYR A 306 -16.50 8.92 3.42
N PRO A 307 -17.31 9.96 3.12
CA PRO A 307 -18.44 9.72 2.19
C PRO A 307 -18.00 9.30 0.77
N GLU A 308 -16.90 9.82 0.27
CA GLU A 308 -16.42 9.44 -1.08
C GLU A 308 -15.98 8.00 -1.12
N PHE A 309 -15.15 7.62 -0.17
CA PHE A 309 -14.74 6.22 -0.07
C PHE A 309 -15.94 5.31 0.15
N SER A 310 -16.85 5.70 1.04
CA SER A 310 -18.01 4.88 1.34
C SER A 310 -18.83 4.54 0.09
N ALA A 311 -19.05 5.54 -0.76
CA ALA A 311 -19.80 5.30 -1.98
C ALA A 311 -19.05 4.33 -2.90
N GLU A 312 -17.75 4.54 -3.09
CA GLU A 312 -16.93 3.64 -3.92
C GLU A 312 -16.89 2.22 -3.36
N PHE A 313 -16.67 2.14 -2.06
CA PHE A 313 -16.60 0.86 -1.32
C PHE A 313 -17.90 0.10 -1.47
N ASP A 314 -19.03 0.78 -1.27
CA ASP A 314 -20.33 0.13 -1.33
C ASP A 314 -20.57 -0.41 -2.75
N GLU A 315 -20.18 0.37 -3.75
CA GLU A 315 -20.37 -0.06 -5.15
C GLU A 315 -19.50 -1.29 -5.45
N TRP A 316 -18.29 -1.28 -4.94
CA TRP A 316 -17.34 -2.37 -5.14
C TRP A 316 -17.80 -3.65 -4.42
N LEU A 317 -18.35 -3.52 -3.20
CA LEU A 317 -18.91 -4.66 -2.49
C LEU A 317 -20.06 -5.27 -3.30
N ALA A 318 -20.99 -4.42 -3.74
CA ALA A 318 -22.15 -4.92 -4.49
C ALA A 318 -21.74 -5.63 -5.79
N PHE A 319 -20.73 -5.10 -6.45
CA PHE A 319 -20.14 -5.71 -7.64
C PHE A 319 -19.58 -7.11 -7.34
N ASN A 320 -18.76 -7.20 -6.30
CA ASN A 320 -18.24 -8.50 -5.91
C ASN A 320 -19.35 -9.53 -5.64
N ILE A 321 -20.36 -9.10 -4.90
CA ILE A 321 -21.47 -9.98 -4.54
C ILE A 321 -22.22 -10.47 -5.78
N GLU A 322 -22.49 -9.55 -6.69
CA GLU A 322 -23.18 -9.93 -7.93
C GLU A 322 -22.34 -10.87 -8.80
N MET A 323 -21.04 -10.62 -8.90
CA MET A 323 -20.20 -11.52 -9.66
C MET A 323 -20.13 -12.92 -9.04
N ALA A 324 -19.97 -12.99 -7.73
CA ALA A 324 -19.90 -14.27 -7.05
C ALA A 324 -21.15 -15.06 -7.32
N TRP A 325 -22.30 -14.43 -7.11
CA TRP A 325 -23.59 -15.13 -7.23
C TRP A 325 -23.94 -15.53 -8.65
N SER A 326 -23.35 -14.83 -9.62
CA SER A 326 -23.54 -15.18 -11.01
C SER A 326 -22.87 -16.51 -11.36
N HIS A 327 -22.02 -17.01 -10.46
CA HIS A 327 -21.38 -18.31 -10.63
C HIS A 327 -22.05 -19.41 -9.82
N GLN A 328 -23.22 -19.15 -9.25
CA GLN A 328 -23.93 -20.16 -8.48
C GLN A 328 -24.31 -21.30 -9.41
N ASN A 329 -24.26 -22.51 -8.88
CA ASN A 329 -24.71 -23.67 -9.60
C ASN A 329 -26.24 -23.79 -9.42
N SER A 330 -26.84 -24.85 -9.95
CA SER A 330 -28.29 -24.99 -9.92
C SER A 330 -28.87 -25.22 -8.51
N ASP A 331 -28.00 -25.64 -7.58
CA ASP A 331 -28.37 -25.74 -6.16
C ASP A 331 -28.10 -24.48 -5.35
N HIS A 332 -27.79 -23.37 -6.03
CA HIS A 332 -27.53 -22.07 -5.37
C HIS A 332 -26.32 -22.09 -4.46
N ILE A 333 -25.32 -22.87 -4.87
CA ILE A 333 -24.00 -22.94 -4.21
C ILE A 333 -22.95 -22.24 -5.08
N VAL A 334 -22.13 -21.39 -4.47
CA VAL A 334 -21.09 -20.64 -5.16
C VAL A 334 -19.72 -21.06 -4.65
N ASP A 335 -18.90 -21.59 -5.56
CA ASP A 335 -17.52 -21.93 -5.25
C ASP A 335 -16.73 -20.65 -4.93
N GLY A 336 -15.70 -20.79 -4.13
CA GLY A 336 -14.91 -19.66 -3.69
C GLY A 336 -13.95 -19.05 -4.70
N ASN A 337 -13.74 -19.65 -5.88
CA ASN A 337 -13.13 -18.84 -6.94
C ASN A 337 -14.22 -18.02 -7.63
N TRP A 338 -14.38 -16.77 -7.20
CA TRP A 338 -15.47 -15.91 -7.67
C TRP A 338 -15.28 -15.40 -9.10
N ALA A 339 -14.13 -15.68 -9.70
CA ALA A 339 -13.94 -15.37 -11.11
C ALA A 339 -14.32 -16.53 -12.02
N GLY A 340 -14.71 -17.68 -11.45
CA GLY A 340 -15.13 -18.83 -12.30
C GLY A 340 -16.09 -19.89 -11.76
N GLN A 341 -16.12 -21.05 -12.44
CA GLN A 341 -17.15 -22.08 -12.22
C GLN A 341 -16.90 -22.98 -11.00
N GLY A 345 -18.11 -30.12 -9.95
CA GLY A 345 -18.23 -31.43 -9.32
C GLY A 345 -18.45 -31.34 -7.81
N THR A 346 -17.36 -31.38 -7.05
CA THR A 346 -17.40 -31.30 -5.59
C THR A 346 -17.25 -29.85 -5.13
N TYR A 347 -18.13 -29.44 -4.21
CA TYR A 347 -18.09 -28.12 -3.58
C TYR A 347 -17.68 -28.29 -2.13
N GLU A 348 -16.92 -27.31 -1.63
CA GLU A 348 -16.37 -27.36 -0.28
C GLU A 348 -17.08 -26.32 0.56
N SER A 349 -17.38 -26.66 1.81
CA SER A 349 -18.15 -25.75 2.65
C SER A 349 -17.39 -24.47 2.99
N TRP A 350 -16.06 -24.54 3.19
CA TRP A 350 -15.34 -23.31 3.54
C TRP A 350 -15.27 -22.38 2.35
N SER A 351 -14.86 -22.89 1.19
CA SER A 351 -14.78 -22.03 0.03
CA SER A 351 -14.81 -22.12 -0.05
C SER A 351 -16.17 -21.51 -0.40
N SER A 352 -17.22 -22.31 -0.21
CA SER A 352 -18.55 -21.89 -0.60
C SER A 352 -19.24 -20.95 0.40
N ALA A 353 -18.69 -20.83 1.60
CA ALA A 353 -19.32 -20.00 2.62
C ALA A 353 -19.26 -18.50 2.32
N ALA A 354 -18.25 -18.05 1.58
CA ALA A 354 -18.04 -16.62 1.47
C ALA A 354 -19.20 -15.94 0.75
N ALA A 355 -19.72 -16.60 -0.29
CA ALA A 355 -20.83 -16.01 -1.02
C ALA A 355 -22.09 -15.92 -0.14
N VAL A 356 -22.27 -16.89 0.75
CA VAL A 356 -23.41 -16.89 1.66
C VAL A 356 -23.24 -15.74 2.68
N GLN A 357 -22.03 -15.63 3.22
CA GLN A 357 -21.71 -14.57 4.16
C GLN A 357 -22.05 -13.20 3.57
N ALA A 358 -21.66 -13.03 2.31
CA ALA A 358 -21.82 -11.76 1.63
C ALA A 358 -23.26 -11.29 1.51
N LEU A 359 -24.19 -12.23 1.49
CA LEU A 359 -25.63 -11.90 1.42
C LEU A 359 -26.29 -11.82 2.80
N ASN A 360 -25.49 -12.02 3.84
CA ASN A 360 -25.99 -11.97 5.20
C ASN A 360 -25.19 -10.95 6.01
N GLY A 361 -24.92 -9.82 5.36
CA GLY A 361 -24.17 -8.70 5.96
C GLY A 361 -25.08 -7.53 6.29
N HIS B 6 35.20 11.50 -13.24
CA HIS B 6 33.78 11.57 -12.78
C HIS B 6 33.44 12.99 -12.26
N HIS B 7 32.80 13.16 -11.09
CA HIS B 7 32.11 14.43 -10.82
C HIS B 7 33.05 15.59 -10.44
N HIS B 8 32.71 16.77 -10.90
CA HIS B 8 33.40 18.01 -10.58
C HIS B 8 33.01 18.56 -9.22
N HIS B 9 33.95 19.31 -8.62
CA HIS B 9 33.76 19.93 -7.32
C HIS B 9 34.26 21.35 -7.39
N HIS B 10 33.78 22.19 -6.48
CA HIS B 10 34.15 23.61 -6.41
C HIS B 10 33.61 24.17 -5.09
N SER B 11 34.42 24.89 -4.31
CA SER B 11 33.90 25.57 -3.10
C SER B 11 32.77 26.58 -3.47
N SER B 12 31.95 27.08 -2.55
CA SER B 12 32.18 27.21 -1.12
C SER B 12 30.86 27.41 -0.41
N SER B 26 23.28 -1.18 -25.43
CA SER B 26 22.30 -1.54 -24.41
C SER B 26 20.89 -1.13 -24.83
N ASP B 27 19.91 -1.71 -24.16
CA ASP B 27 18.54 -1.25 -24.29
C ASP B 27 18.46 0.23 -23.92
N GLY B 28 19.23 0.67 -22.92
CA GLY B 28 19.24 2.09 -22.51
C GLY B 28 19.70 3.01 -23.62
N ASP B 29 20.72 2.58 -24.37
CA ASP B 29 21.20 3.35 -25.52
C ASP B 29 20.10 3.44 -26.60
N THR B 30 19.53 2.30 -26.93
CA THR B 30 18.47 2.23 -27.93
C THR B 30 17.29 3.13 -27.54
N ALA B 31 16.87 3.03 -26.28
CA ALA B 31 15.76 3.84 -25.79
C ALA B 31 16.04 5.33 -25.85
N MET B 32 17.24 5.76 -25.44
CA MET B 32 17.58 7.17 -25.42
C MET B 32 17.66 7.67 -26.86
N LYS B 33 18.30 6.92 -27.75
CA LYS B 33 18.42 7.35 -29.14
C LYS B 33 17.05 7.56 -29.77
N ALA B 34 16.14 6.60 -29.51
CA ALA B 34 14.78 6.68 -30.04
C ALA B 34 14.04 7.90 -29.49
N PHE B 35 14.19 8.15 -28.19
CA PHE B 35 13.55 9.27 -27.55
C PHE B 35 14.03 10.58 -28.19
N ASN B 36 15.34 10.73 -28.37
CA ASN B 36 15.86 11.90 -29.06
C ASN B 36 15.35 11.98 -30.50
N ASP B 37 15.38 10.87 -31.23
CA ASP B 37 14.94 10.91 -32.64
C ASP B 37 13.50 11.38 -32.74
N THR B 38 12.68 10.98 -31.77
CA THR B 38 11.25 11.28 -31.79
C THR B 38 10.94 12.68 -31.26
N PHE B 39 11.65 13.13 -30.23
CA PHE B 39 11.23 14.31 -29.51
C PHE B 39 12.20 15.48 -29.48
N TRP B 40 13.48 15.26 -29.79
CA TRP B 40 14.43 16.37 -29.64
C TRP B 40 14.33 17.35 -30.80
N ASP B 41 14.26 18.64 -30.50
CA ASP B 41 14.28 19.71 -31.50
C ASP B 41 15.67 20.30 -31.50
N PRO B 42 16.48 19.96 -32.52
CA PRO B 42 17.84 20.48 -32.51
C PRO B 42 17.90 21.98 -32.86
N ASN B 43 16.82 22.52 -33.40
CA ASN B 43 16.78 23.95 -33.72
C ASN B 43 16.60 24.81 -32.47
N ALA B 44 15.54 24.51 -31.72
CA ALA B 44 15.24 25.22 -30.49
C ALA B 44 16.07 24.71 -29.31
N LYS B 45 16.71 23.55 -29.48
CA LYS B 45 17.44 22.90 -28.39
C LYS B 45 16.53 22.66 -27.18
N MET B 46 15.38 22.07 -27.49
CA MET B 46 14.35 21.73 -26.50
CA MET B 46 14.38 21.73 -26.51
C MET B 46 13.63 20.48 -26.97
N PHE B 47 13.10 19.73 -26.02
CA PHE B 47 12.25 18.60 -26.38
C PHE B 47 10.85 19.12 -26.77
N TRP B 48 10.29 18.48 -27.79
CA TRP B 48 8.89 18.63 -28.10
C TRP B 48 8.05 17.89 -27.05
N LYS B 49 6.86 18.42 -26.79
CA LYS B 49 5.93 17.82 -25.86
C LYS B 49 5.33 16.52 -26.39
N ASP B 50 5.11 16.44 -27.72
CA ASP B 50 4.63 15.20 -28.31
C ASP B 50 5.16 15.05 -29.74
N SER B 51 4.86 13.91 -30.36
CA SER B 51 5.44 13.56 -31.64
C SER B 51 4.85 14.34 -32.82
N LYS B 52 3.84 15.17 -32.59
CA LYS B 52 3.35 16.13 -33.62
C LYS B 52 4.29 17.32 -33.78
N ARG B 53 5.16 17.51 -32.80
CA ARG B 53 6.24 18.50 -32.87
C ARG B 53 5.68 19.91 -33.11
N GLU B 54 4.67 20.25 -32.33
CA GLU B 54 4.05 21.58 -32.42
C GLU B 54 4.24 22.47 -31.21
N LYS B 55 4.46 21.84 -30.05
CA LYS B 55 4.61 22.58 -28.80
C LYS B 55 5.78 21.96 -28.05
N HIS B 56 6.67 22.80 -27.54
CA HIS B 56 7.77 22.29 -26.72
C HIS B 56 7.30 21.93 -25.32
N GLN B 57 8.12 21.10 -24.67
CA GLN B 57 7.81 20.59 -23.36
C GLN B 57 7.71 21.71 -22.35
N ASP B 58 6.85 21.50 -21.35
CA ASP B 58 6.67 22.45 -20.26
C ASP B 58 8.00 22.70 -19.56
N PHE B 59 8.16 23.89 -19.03
CA PHE B 59 9.37 24.31 -18.35
C PHE B 59 9.86 23.31 -17.29
N TRP B 60 9.02 22.96 -16.31
CA TRP B 60 9.51 22.11 -15.21
C TRP B 60 9.90 20.74 -15.73
N VAL B 61 9.09 20.18 -16.62
CA VAL B 61 9.33 18.87 -17.16
C VAL B 61 10.63 18.84 -17.96
N GLU B 62 10.93 19.93 -18.63
CA GLU B 62 12.17 19.99 -19.39
C GLU B 62 13.39 19.79 -18.47
N ALA B 63 13.35 20.25 -17.21
CA ALA B 63 14.49 19.98 -16.30
C ALA B 63 14.62 18.47 -16.05
N GLU B 64 13.50 17.76 -16.04
CA GLU B 64 13.49 16.33 -15.79
C GLU B 64 13.99 15.55 -16.99
N LEU B 65 13.67 16.04 -18.20
CA LEU B 65 14.26 15.46 -19.41
C LEU B 65 15.75 15.80 -19.51
N TRP B 66 16.15 16.96 -19.01
CA TRP B 66 17.57 17.31 -18.89
C TRP B 66 18.30 16.26 -18.04
N GLU B 67 17.72 15.96 -16.88
CA GLU B 67 18.32 14.93 -16.03
C GLU B 67 18.32 13.55 -16.70
N LEU B 68 17.30 13.24 -17.51
CA LEU B 68 17.30 11.99 -18.25
C LEU B 68 18.52 11.89 -19.18
N VAL B 69 18.80 12.97 -19.91
CA VAL B 69 20.00 13.02 -20.74
C VAL B 69 21.25 12.74 -19.89
N MET B 70 21.31 13.36 -18.72
CA MET B 70 22.42 13.15 -17.83
C MET B 70 22.54 11.70 -17.38
N ASP B 71 21.41 11.08 -17.06
CA ASP B 71 21.42 9.69 -16.64
C ASP B 71 21.83 8.75 -17.77
N ALA B 72 21.38 9.02 -18.99
CA ALA B 72 21.85 8.24 -20.12
C ALA B 72 23.35 8.40 -20.34
N TYR B 73 23.83 9.64 -20.21
CA TYR B 73 25.24 9.96 -20.30
C TYR B 73 26.05 9.11 -19.30
N GLN B 74 25.56 9.03 -18.06
CA GLN B 74 26.29 8.29 -17.04
C GLN B 74 26.15 6.78 -17.16
N HIS B 75 25.12 6.32 -17.86
CA HIS B 75 24.84 4.90 -18.01
C HIS B 75 25.59 4.26 -19.20
N THR B 76 25.72 4.99 -20.29
CA THR B 76 26.20 4.37 -21.53
C THR B 76 27.67 4.02 -21.48
N SER B 77 28.02 2.98 -22.23
CA SER B 77 29.43 2.67 -22.46
CA SER B 77 29.40 2.61 -22.47
C SER B 77 29.82 2.84 -23.93
N ASP B 78 28.93 3.44 -24.70
CA ASP B 78 29.20 3.79 -26.11
C ASP B 78 29.85 5.17 -26.10
N PRO B 79 31.16 5.24 -26.38
CA PRO B 79 31.87 6.53 -26.26
C PRO B 79 31.32 7.62 -27.20
N ALA B 80 30.83 7.22 -28.37
CA ALA B 80 30.30 8.18 -29.33
C ALA B 80 28.97 8.75 -28.83
N LEU B 81 28.05 7.88 -28.41
CA LEU B 81 26.80 8.33 -27.80
C LEU B 81 27.07 9.18 -26.56
N LYS B 82 28.03 8.76 -25.74
CA LYS B 82 28.35 9.49 -24.51
C LYS B 82 28.75 10.93 -24.81
N ALA B 83 29.63 11.11 -25.80
CA ALA B 83 30.04 12.45 -26.16
C ALA B 83 28.89 13.28 -26.72
N GLU B 84 28.00 12.66 -27.50
CA GLU B 84 26.83 13.37 -28.01
C GLU B 84 25.91 13.81 -26.86
N LEU B 85 25.68 12.91 -25.91
CA LEU B 85 24.83 13.24 -24.77
C LEU B 85 25.45 14.33 -23.91
N LYS B 86 26.78 14.30 -23.75
CA LYS B 86 27.44 15.37 -22.99
C LYS B 86 27.20 16.75 -23.62
N THR B 87 27.30 16.81 -24.95
CA THR B 87 27.00 18.05 -25.66
C THR B 87 25.53 18.48 -25.46
N GLN B 88 24.65 17.49 -25.50
CA GLN B 88 23.21 17.73 -25.33
C GLN B 88 22.89 18.31 -23.96
N ILE B 89 23.68 17.95 -22.95
CA ILE B 89 23.52 18.58 -21.64
C ILE B 89 23.63 20.10 -21.76
N ASP B 90 24.65 20.57 -22.49
CA ASP B 90 24.80 22.00 -22.66
C ASP B 90 23.69 22.59 -23.54
N ASP B 91 23.34 21.86 -24.60
CA ASP B 91 22.32 22.35 -25.51
C ASP B 91 20.94 22.52 -24.84
N VAL B 92 20.55 21.59 -23.97
CA VAL B 92 19.25 21.73 -23.30
C VAL B 92 19.24 23.04 -22.51
N TYR B 93 20.30 23.30 -21.75
CA TYR B 93 20.37 24.55 -21.01
C TYR B 93 20.25 25.77 -21.94
N ASP B 94 21.03 25.75 -23.03
CA ASP B 94 21.01 26.87 -23.97
C ASP B 94 19.62 27.11 -24.55
N GLY B 95 18.92 26.05 -24.92
CA GLY B 95 17.58 26.18 -25.49
C GLY B 95 16.61 26.80 -24.48
N THR B 96 16.68 26.31 -23.25
CA THR B 96 15.81 26.82 -22.20
C THR B 96 16.09 28.30 -21.90
N VAL B 97 17.38 28.66 -21.80
CA VAL B 97 17.73 30.04 -21.52
C VAL B 97 17.33 30.96 -22.68
N ALA B 98 17.40 30.47 -23.92
CA ALA B 98 16.96 31.27 -25.08
C ALA B 98 15.48 31.65 -24.99
N LYS B 99 14.65 30.75 -24.46
CA LYS B 99 13.21 30.98 -24.35
C LYS B 99 12.77 31.60 -23.03
N TYR B 100 13.44 31.21 -21.94
CA TYR B 100 13.01 31.57 -20.59
C TYR B 100 13.94 32.51 -19.83
N GLY B 101 15.10 32.84 -20.42
CA GLY B 101 16.11 33.66 -19.74
C GLY B 101 16.97 32.83 -18.80
N GLN B 102 17.99 33.49 -18.24
CA GLN B 102 18.94 32.89 -17.31
C GLN B 102 18.43 32.97 -15.87
N ASP B 103 17.60 33.96 -15.59
CA ASP B 103 17.09 34.24 -14.26
C ASP B 103 15.65 33.75 -14.23
N TRP B 104 15.44 32.62 -13.56
CA TRP B 104 14.13 31.99 -13.45
C TRP B 104 13.35 32.44 -12.22
N THR B 105 13.89 33.40 -11.47
CA THR B 105 13.27 33.82 -10.21
C THR B 105 11.99 34.64 -10.39
N ASN B 106 11.67 35.04 -11.63
CA ASN B 106 10.41 35.65 -12.04
CA ASN B 106 10.37 35.66 -11.82
C ASN B 106 9.28 34.64 -12.24
N ASN B 107 9.64 33.35 -12.21
CA ASN B 107 8.64 32.28 -12.35
C ASN B 107 7.95 32.15 -10.98
N PRO B 108 6.59 32.21 -10.94
CA PRO B 108 5.92 32.16 -9.62
C PRO B 108 5.93 30.79 -8.95
N PHE B 109 6.30 29.76 -9.69
CA PHE B 109 6.35 28.37 -9.16
C PHE B 109 7.73 28.12 -8.56
N ASN B 110 7.81 28.02 -7.22
CA ASN B 110 9.09 27.71 -6.60
C ASN B 110 9.62 26.33 -7.00
N ASP B 111 8.71 25.38 -7.17
CA ASP B 111 9.10 24.05 -7.65
C ASP B 111 9.75 24.14 -9.03
N ASP B 112 9.15 24.89 -9.96
CA ASP B 112 9.78 25.03 -11.29
C ASP B 112 11.23 25.48 -11.12
N ILE B 113 11.45 26.49 -10.29
CA ILE B 113 12.78 27.04 -10.07
C ILE B 113 13.74 25.96 -9.52
N MET B 114 13.24 25.21 -8.54
CA MET B 114 14.07 24.23 -7.85
C MET B 114 14.40 23.01 -8.72
N TRP B 115 13.47 22.56 -9.56
CA TRP B 115 13.78 21.49 -10.48
C TRP B 115 14.98 21.89 -11.37
N TRP B 116 14.99 23.15 -11.81
CA TRP B 116 16.11 23.64 -12.63
C TRP B 116 17.38 23.87 -11.81
N ALA B 117 17.23 24.29 -10.56
CA ALA B 117 18.41 24.43 -9.70
C ALA B 117 19.08 23.05 -9.49
N MET B 118 18.27 22.03 -9.22
CA MET B 118 18.80 20.69 -9.08
C MET B 118 19.47 20.19 -10.37
N GLY B 119 18.81 20.37 -11.49
CA GLY B 119 19.39 19.98 -12.75
C GLY B 119 20.72 20.68 -13.00
N SER B 120 20.76 21.96 -12.68
CA SER B 120 21.97 22.75 -12.87
C SER B 120 23.11 22.24 -12.01
N ALA B 121 22.82 21.89 -10.76
CA ALA B 121 23.87 21.33 -9.91
C ALA B 121 24.45 20.04 -10.52
N ARG B 122 23.58 19.17 -11.03
CA ARG B 122 24.04 17.97 -11.71
C ARG B 122 24.86 18.28 -12.98
N ALA B 123 24.41 19.29 -13.74
CA ALA B 123 25.16 19.67 -14.93
C ALA B 123 26.54 20.13 -14.55
N TYR B 124 26.69 20.83 -13.42
CA TYR B 124 28.01 21.22 -12.95
C TYR B 124 28.86 20.00 -12.62
N GLN B 125 28.28 19.05 -11.90
CA GLN B 125 29.01 17.83 -11.56
C GLN B 125 29.56 17.13 -12.81
N ILE B 126 28.78 17.10 -13.87
CA ILE B 126 29.18 16.40 -15.09
C ILE B 126 30.17 17.20 -15.95
N THR B 127 29.92 18.50 -16.13
CA THR B 127 30.65 19.30 -17.10
C THR B 127 31.79 20.13 -16.50
N GLY B 128 31.65 20.50 -15.23
CA GLY B 128 32.58 21.44 -14.64
C GLY B 128 32.42 22.89 -15.08
N ASN B 129 31.35 23.20 -15.82
CA ASN B 129 31.15 24.56 -16.32
C ASN B 129 30.57 25.42 -15.21
N PRO B 130 31.30 26.47 -14.77
CA PRO B 130 30.81 27.28 -13.63
C PRO B 130 29.46 27.96 -13.83
N ARG B 131 29.00 28.13 -15.07
CA ARG B 131 27.68 28.74 -15.26
C ARG B 131 26.60 27.90 -14.56
N TYR B 132 26.81 26.59 -14.51
CA TYR B 132 25.83 25.72 -13.87
C TYR B 132 25.85 25.83 -12.34
N LEU B 133 27.02 25.97 -11.76
CA LEU B 133 27.11 26.14 -10.31
C LEU B 133 26.48 27.48 -9.91
N GLU B 134 26.73 28.56 -10.67
CA GLU B 134 26.09 29.85 -10.43
C GLU B 134 24.57 29.68 -10.51
N ALA B 135 24.08 29.02 -11.55
CA ALA B 135 22.63 28.85 -11.72
C ALA B 135 22.03 28.08 -10.57
N ALA B 136 22.70 27.01 -10.16
CA ALA B 136 22.20 26.17 -9.07
C ALA B 136 22.16 26.93 -7.75
N ARG B 137 23.28 27.53 -7.39
CA ARG B 137 23.40 28.24 -6.14
C ARG B 137 22.41 29.44 -6.09
N ASP B 138 22.35 30.24 -7.15
CA ASP B 138 21.56 31.46 -7.09
C ASP B 138 20.07 31.12 -7.00
N HIS B 139 19.64 30.11 -7.73
CA HIS B 139 18.23 29.73 -7.69
C HIS B 139 17.86 28.97 -6.44
N PHE B 140 18.73 28.08 -5.96
CA PHE B 140 18.48 27.44 -4.67
C PHE B 140 18.35 28.51 -3.56
N ASP B 141 19.31 29.44 -3.55
CA ASP B 141 19.34 30.46 -2.51
C ASP B 141 18.08 31.32 -2.58
N PHE B 142 17.64 31.72 -3.77
CA PHE B 142 16.42 32.52 -3.89
C PHE B 142 15.26 31.79 -3.19
N VAL B 143 15.08 30.51 -3.51
CA VAL B 143 13.93 29.80 -2.97
C VAL B 143 14.10 29.53 -1.48
N TYR B 144 15.22 28.94 -1.08
CA TYR B 144 15.39 28.57 0.31
C TYR B 144 15.44 29.78 1.23
N ASP B 145 16.15 30.83 0.82
CA ASP B 145 16.32 31.99 1.70
C ASP B 145 15.06 32.83 1.82
N THR B 146 14.25 32.88 0.78
CA THR B 146 13.07 33.77 0.79
C THR B 146 11.71 33.07 0.91
N GLN B 147 11.68 31.76 0.66
CA GLN B 147 10.39 31.04 0.61
C GLN B 147 10.24 29.99 1.71
N TRP B 148 11.28 29.75 2.48
CA TRP B 148 11.14 28.99 3.73
C TRP B 148 10.44 29.85 4.74
N ASP B 149 9.50 29.25 5.47
CA ASP B 149 8.71 29.99 6.44
C ASP B 149 8.39 29.11 7.63
N GLU B 150 8.41 29.71 8.82
CA GLU B 150 8.03 28.98 10.01
C GLU B 150 6.72 29.42 10.63
N GLU B 151 6.02 30.38 10.03
CA GLU B 151 4.76 30.84 10.60
C GLU B 151 3.61 29.87 10.31
N PHE B 152 3.76 29.05 9.27
CA PHE B 152 2.73 28.08 8.87
C PHE B 152 3.32 26.67 8.86
N ALA B 153 2.65 25.72 9.53
CA ALA B 153 2.98 24.29 9.43
C ALA B 153 4.36 23.95 9.98
N ASN B 154 4.85 24.77 10.91
CA ASN B 154 6.06 24.50 11.66
C ASN B 154 7.34 24.56 10.82
N GLY B 155 7.27 25.11 9.61
CA GLY B 155 8.40 25.11 8.70
C GLY B 155 7.94 24.89 7.27
N GLY B 156 8.93 24.68 6.39
CA GLY B 156 8.67 24.31 5.04
C GLY B 156 8.68 25.44 4.05
N ILE B 157 8.93 25.11 2.78
CA ILE B 157 8.93 26.03 1.67
C ILE B 157 7.59 26.11 1.00
N TRP B 158 7.13 27.34 0.74
CA TRP B 158 5.94 27.56 -0.04
C TRP B 158 6.01 27.00 -1.48
N TRP B 159 4.89 26.55 -2.02
CA TRP B 159 4.83 26.12 -3.41
C TRP B 159 5.10 27.25 -4.42
N LEU B 160 4.48 28.40 -4.21
CA LEU B 160 4.57 29.56 -5.08
C LEU B 160 5.24 30.71 -4.36
N ASN B 161 5.88 31.59 -5.13
CA ASN B 161 6.37 32.83 -4.56
C ASN B 161 5.42 34.01 -4.78
N SER B 162 4.30 33.76 -5.46
CA SER B 162 3.27 34.75 -5.63
C SER B 162 2.36 34.64 -4.40
N ASP B 163 1.46 33.66 -4.41
CA ASP B 163 0.48 33.45 -3.34
C ASP B 163 1.00 32.36 -2.40
N HIS B 164 0.92 32.59 -1.10
CA HIS B 164 1.34 31.62 -0.10
C HIS B 164 0.17 30.85 0.52
N ASN B 165 -0.30 29.84 -0.21
CA ASN B 165 -1.47 29.07 0.21
C ASN B 165 -1.19 27.60 0.51
N THR B 166 -0.03 27.08 0.10
CA THR B 166 0.24 25.66 0.24
CA THR B 166 0.25 25.64 0.20
C THR B 166 1.74 25.44 0.28
N LYS B 167 2.16 24.39 1.01
CA LYS B 167 3.54 23.92 1.03
C LYS B 167 3.54 22.46 0.59
N ASN B 168 4.39 22.15 -0.40
CA ASN B 168 4.17 20.94 -1.18
C ASN B 168 5.39 20.02 -1.17
N ALA B 169 5.16 18.71 -1.30
CA ALA B 169 6.27 17.76 -1.44
C ALA B 169 7.10 18.07 -2.69
N CYS B 170 6.46 18.53 -3.75
CA CYS B 170 7.10 18.72 -5.04
C CYS B 170 8.04 19.93 -5.06
N ILE B 171 8.03 20.77 -4.02
CA ILE B 171 9.11 21.76 -3.81
C ILE B 171 10.04 21.30 -2.70
N ASN B 172 9.49 20.83 -1.58
CA ASN B 172 10.34 20.59 -0.44
C ASN B 172 11.38 19.45 -0.61
N PHE B 173 10.96 18.28 -1.13
CA PHE B 173 11.96 17.20 -1.27
C PHE B 173 12.97 17.50 -2.39
N PRO B 174 12.53 18.04 -3.53
CA PRO B 174 13.54 18.47 -4.52
C PRO B 174 14.51 19.50 -3.94
N ALA B 175 14.03 20.38 -3.05
CA ALA B 175 14.93 21.33 -2.42
C ALA B 175 15.97 20.65 -1.55
N ALA B 176 15.56 19.62 -0.80
CA ALA B 176 16.53 18.86 -0.05
C ALA B 176 17.55 18.19 -0.99
N GLN B 177 17.07 17.64 -2.11
CA GLN B 177 17.98 17.02 -3.07
C GLN B 177 18.96 18.04 -3.65
N ALA B 178 18.45 19.22 -4.04
CA ALA B 178 19.34 20.25 -4.59
C ALA B 178 20.40 20.64 -3.59
N ALA B 179 20.00 20.77 -2.34
CA ALA B 179 20.95 21.09 -1.28
C ALA B 179 22.01 20.00 -1.14
N LEU B 180 21.60 18.73 -1.27
CA LEU B 180 22.55 17.64 -1.20
C LEU B 180 23.53 17.66 -2.36
N TYR B 181 23.06 17.95 -3.58
CA TYR B 181 24.00 18.06 -4.70
C TYR B 181 24.99 19.22 -4.44
N LEU B 182 24.47 20.36 -3.98
CA LEU B 182 25.32 21.51 -3.68
C LEU B 182 26.30 21.19 -2.58
N TYR B 183 25.91 20.44 -1.56
CA TYR B 183 26.83 20.02 -0.55
C TYR B 183 27.93 19.12 -1.13
N ASP B 184 27.53 18.18 -1.99
CA ASP B 184 28.51 17.28 -2.58
C ASP B 184 29.54 18.07 -3.39
N ILE B 185 29.10 19.06 -4.14
CA ILE B 185 29.99 19.84 -4.99
C ILE B 185 30.92 20.68 -4.15
N THR B 186 30.37 21.36 -3.14
CA THR B 186 31.07 22.47 -2.46
C THR B 186 31.69 22.11 -1.11
N LYS B 187 31.14 21.09 -0.47
CA LYS B 187 31.46 20.74 0.92
C LYS B 187 31.13 21.85 1.90
N ASP B 188 30.26 22.78 1.51
CA ASP B 188 29.86 23.88 2.37
C ASP B 188 28.74 23.39 3.29
N GLU B 189 29.02 23.38 4.59
CA GLU B 189 28.08 22.90 5.60
CA GLU B 189 28.07 22.81 5.52
C GLU B 189 26.72 23.57 5.48
N HIS B 190 26.65 24.80 4.98
CA HIS B 190 25.35 25.46 4.84
C HIS B 190 24.37 24.57 4.08
N TYR B 191 24.85 23.89 3.04
CA TYR B 191 23.95 23.07 2.23
C TYR B 191 23.55 21.76 2.91
N LEU B 192 24.45 21.12 3.64
CA LEU B 192 24.09 19.93 4.42
C LEU B 192 23.07 20.33 5.51
N ASN B 193 23.28 21.49 6.13
CA ASN B 193 22.35 21.97 7.16
C ASN B 193 20.97 22.22 6.56
N ALA B 194 20.93 22.84 5.38
CA ALA B 194 19.67 23.09 4.70
C ALA B 194 18.97 21.76 4.39
N ALA B 195 19.69 20.80 3.80
CA ALA B 195 19.09 19.54 3.46
C ALA B 195 18.51 18.85 4.69
N THR B 196 19.28 18.85 5.77
CA THR B 196 18.86 18.22 7.02
C THR B 196 17.58 18.87 7.55
N LYS B 197 17.54 20.20 7.54
CA LYS B 197 16.38 20.93 8.07
C LYS B 197 15.14 20.69 7.22
N ILE B 198 15.31 20.79 5.92
CA ILE B 198 14.19 20.63 4.99
C ILE B 198 13.64 19.20 5.11
N PHE B 199 14.53 18.23 5.11
CA PHE B 199 14.11 16.82 5.16
C PHE B 199 13.44 16.51 6.49
N ARG B 200 13.99 16.98 7.60
CA ARG B 200 13.38 16.71 8.90
C ARG B 200 11.97 17.28 8.93
N TRP B 201 11.80 18.50 8.46
CA TRP B 201 10.47 19.10 8.40
C TRP B 201 9.55 18.27 7.51
N GLY B 202 10.04 17.91 6.33
CA GLY B 202 9.24 17.16 5.40
C GLY B 202 8.82 15.78 5.89
N LYS B 203 9.73 15.07 6.53
CA LYS B 203 9.37 13.76 7.08
C LYS B 203 8.26 13.95 8.13
N THR B 204 8.41 14.97 8.96
CA THR B 204 7.48 15.19 10.06
C THR B 204 6.12 15.65 9.58
N MET B 205 6.09 16.59 8.62
CA MET B 205 4.85 17.26 8.24
C MET B 205 4.25 16.80 6.93
N LEU B 206 5.08 16.25 6.05
CA LEU B 206 4.63 15.79 4.73
C LEU B 206 4.69 14.26 4.59
N THR B 207 4.87 13.53 5.68
CA THR B 207 4.71 12.09 5.59
C THR B 207 3.98 11.61 6.84
N ASP B 208 3.56 10.34 6.81
CA ASP B 208 2.92 9.71 7.96
C ASP B 208 3.90 8.99 8.87
N GLY B 209 5.19 9.11 8.60
CA GLY B 209 6.20 8.40 9.36
C GLY B 209 6.39 6.94 8.95
N ASN B 210 5.57 6.46 8.03
CA ASN B 210 5.58 5.07 7.59
C ASN B 210 5.96 4.96 6.11
N GLY B 211 6.45 6.04 5.51
CA GLY B 211 6.88 6.00 4.13
C GLY B 211 5.91 6.56 3.12
N LYS B 212 4.71 6.96 3.54
CA LYS B 212 3.74 7.58 2.64
C LYS B 212 3.97 9.10 2.63
N VAL B 213 4.26 9.66 1.45
CA VAL B 213 4.50 11.08 1.30
C VAL B 213 3.23 11.78 0.84
N PHE B 214 2.82 12.79 1.61
CA PHE B 214 1.64 13.57 1.29
C PHE B 214 1.92 14.58 0.18
N ASP B 215 0.90 14.91 -0.60
CA ASP B 215 1.10 15.85 -1.70
C ASP B 215 1.48 17.25 -1.19
N ARG B 216 0.76 17.73 -0.19
CA ARG B 216 0.86 19.13 0.19
C ARG B 216 0.12 19.38 1.47
N ILE B 217 0.36 20.56 2.02
CA ILE B 217 -0.39 21.07 3.17
C ILE B 217 -0.98 22.42 2.75
N GLU B 218 -2.30 22.55 2.86
CA GLU B 218 -3.04 23.75 2.47
C GLU B 218 -3.36 24.60 3.68
N ILE B 219 -3.21 25.93 3.54
CA ILE B 219 -3.56 26.83 4.63
C ILE B 219 -5.01 26.67 5.05
N GLU B 220 -5.24 26.84 6.35
CA GLU B 220 -6.57 26.74 6.96
C GLU B 220 -7.24 25.41 6.57
N HIS B 221 -6.43 24.37 6.45
CA HIS B 221 -6.94 23.08 6.05
C HIS B 221 -6.11 21.96 6.67
N GLY B 222 -4.86 21.84 6.24
CA GLY B 222 -4.02 20.74 6.70
C GLY B 222 -3.49 19.95 5.51
N ALA B 223 -2.99 18.76 5.80
CA ALA B 223 -2.39 17.90 4.79
C ALA B 223 -3.43 17.34 3.83
N VAL B 224 -3.02 17.18 2.57
CA VAL B 224 -3.75 16.47 1.55
C VAL B 224 -2.97 15.17 1.31
N PRO B 225 -3.44 14.04 1.85
CA PRO B 225 -2.60 12.85 1.93
C PRO B 225 -2.72 11.97 0.68
N ASP B 226 -2.50 12.58 -0.47
CA ASP B 226 -2.58 11.94 -1.76
C ASP B 226 -1.15 11.63 -2.20
N ALA B 227 -0.80 10.35 -2.26
CA ALA B 227 0.57 9.95 -2.60
C ALA B 227 0.72 9.74 -4.10
N THR B 228 1.88 10.06 -4.64
CA THR B 228 2.17 9.89 -6.04
C THR B 228 3.61 9.45 -6.24
N HIS B 229 3.88 8.92 -7.42
CA HIS B 229 5.19 8.42 -7.74
C HIS B 229 6.29 9.46 -7.57
N TYR B 230 6.12 10.68 -8.10
CA TYR B 230 7.25 11.59 -8.10
C TYR B 230 7.60 12.08 -6.71
N ASN B 231 6.61 12.14 -5.81
CA ASN B 231 6.86 12.58 -4.43
C ASN B 231 7.46 11.45 -3.60
N GLN B 232 7.03 10.22 -3.82
CA GLN B 232 7.77 9.10 -3.24
C GLN B 232 9.22 9.18 -3.71
N GLY B 233 9.43 9.46 -5.00
CA GLY B 233 10.76 9.43 -5.54
C GLY B 233 11.70 10.46 -4.96
N THR B 234 11.27 11.72 -4.88
CA THR B 234 12.17 12.75 -4.35
C THR B 234 12.40 12.58 -2.85
N TYR B 235 11.41 12.08 -2.11
CA TYR B 235 11.64 11.72 -0.72
C TYR B 235 12.71 10.63 -0.61
N ILE B 236 12.57 9.57 -1.40
CA ILE B 236 13.53 8.47 -1.36
C ILE B 236 14.92 8.99 -1.74
N GLY B 237 15.03 9.78 -2.79
CA GLY B 237 16.35 10.27 -3.18
C GLY B 237 16.98 11.17 -2.14
N SER B 238 16.19 12.05 -1.54
CA SER B 238 16.77 12.87 -0.49
CA SER B 238 16.66 12.87 -0.41
C SER B 238 17.18 12.03 0.73
N ALA B 239 16.40 11.00 1.07
CA ALA B 239 16.77 10.14 2.18
C ALA B 239 18.05 9.40 1.90
N VAL B 240 18.19 8.82 0.72
CA VAL B 240 19.42 8.11 0.37
C VAL B 240 20.57 9.12 0.34
N GLY B 241 20.36 10.29 -0.19
CA GLY B 241 21.42 11.28 -0.22
C GLY B 241 21.88 11.71 1.16
N LEU B 242 20.94 11.88 2.07
CA LEU B 242 21.29 12.19 3.47
C LEU B 242 21.99 11.02 4.14
N TYR B 243 21.59 9.80 3.84
CA TYR B 243 22.31 8.64 4.34
C TYR B 243 23.77 8.70 3.89
N LYS B 244 24.01 8.95 2.62
CA LYS B 244 25.38 8.98 2.09
C LYS B 244 26.18 10.11 2.69
N ALA B 245 25.57 11.26 2.89
CA ALA B 245 26.27 12.46 3.39
C ALA B 245 26.59 12.39 4.86
N THR B 246 25.75 11.69 5.63
CA THR B 246 25.84 11.73 7.09
C THR B 246 26.19 10.40 7.73
N GLY B 247 25.99 9.30 7.03
CA GLY B 247 26.11 7.96 7.60
C GLY B 247 25.02 7.58 8.61
N ASN B 248 23.97 8.38 8.77
CA ASN B 248 22.94 8.06 9.77
C ASN B 248 21.94 7.06 9.19
N ALA B 249 21.91 5.88 9.80
CA ALA B 249 21.12 4.74 9.37
C ALA B 249 19.64 5.05 9.28
N VAL B 250 19.15 6.01 10.04
CA VAL B 250 17.72 6.28 10.01
C VAL B 250 17.29 6.73 8.61
N TYR B 251 18.15 7.47 7.92
CA TYR B 251 17.80 7.96 6.59
C TYR B 251 17.63 6.78 5.62
N LEU B 252 18.49 5.76 5.69
CA LEU B 252 18.33 4.57 4.86
C LEU B 252 17.02 3.87 5.17
N ASP B 253 16.70 3.75 6.46
CA ASP B 253 15.45 3.15 6.85
C ASP B 253 14.29 3.97 6.29
N ASP B 254 14.37 5.29 6.36
CA ASP B 254 13.33 6.15 5.79
C ASP B 254 13.11 5.82 4.31
N ALA B 255 14.17 5.68 3.55
CA ALA B 255 14.11 5.37 2.10
C ALA B 255 13.46 4.01 1.87
N VAL B 256 13.85 3.01 2.67
CA VAL B 256 13.30 1.69 2.51
C VAL B 256 11.80 1.70 2.79
N LYS B 257 11.37 2.38 3.85
CA LYS B 257 9.93 2.40 4.12
C LYS B 257 9.14 3.03 2.97
N ALA B 258 9.65 4.12 2.39
CA ALA B 258 8.96 4.76 1.29
C ALA B 258 8.99 3.95 0.03
N ALA B 259 10.06 3.18 -0.20
CA ALA B 259 10.10 2.25 -1.33
C ALA B 259 9.13 1.09 -1.17
N LYS B 260 9.04 0.56 0.03
CA LYS B 260 8.06 -0.48 0.31
C LYS B 260 6.66 0.07 0.10
N PHE B 261 6.39 1.28 0.57
CA PHE B 261 5.07 1.86 0.39
C PHE B 261 4.73 1.94 -1.10
N THR B 262 5.68 2.39 -1.91
CA THR B 262 5.48 2.52 -3.35
C THR B 262 5.15 1.16 -3.97
N LYS B 263 5.98 0.17 -3.67
CA LYS B 263 5.84 -1.16 -4.25
C LYS B 263 4.55 -1.86 -3.80
N ASN B 264 4.12 -1.63 -2.57
CA ASN B 264 2.93 -2.29 -2.07
C ASN B 264 1.63 -1.58 -2.46
N HIS B 265 1.70 -0.26 -2.64
CA HIS B 265 0.48 0.55 -2.76
C HIS B 265 0.30 1.24 -4.09
N LEU B 266 1.37 1.71 -4.73
CA LEU B 266 1.22 2.55 -5.95
C LEU B 266 1.42 1.77 -7.25
N VAL B 267 0.78 0.60 -7.23
CA VAL B 267 0.87 -0.41 -8.29
C VAL B 267 -0.51 -0.96 -8.57
N ASP B 268 -0.65 -1.56 -9.74
CA ASP B 268 -1.87 -2.25 -10.12
C ASP B 268 -1.92 -3.65 -9.53
N SER B 269 -2.93 -4.44 -9.89
CA SER B 269 -3.11 -5.76 -9.31
C SER B 269 -2.01 -6.75 -9.63
N ASN B 270 -1.23 -6.47 -10.67
CA ASN B 270 -0.08 -7.29 -11.03
C ASN B 270 1.24 -6.79 -10.48
N GLY B 271 1.22 -5.70 -9.72
CA GLY B 271 2.45 -5.14 -9.21
C GLY B 271 3.17 -4.21 -10.16
N VAL B 272 2.54 -3.86 -11.28
CA VAL B 272 3.11 -2.89 -12.20
C VAL B 272 2.81 -1.48 -11.66
N LEU B 273 3.83 -0.63 -11.63
CA LEU B 273 3.62 0.76 -11.20
C LEU B 273 2.40 1.36 -11.93
N ASN B 274 1.64 2.15 -11.18
CA ASN B 274 0.45 2.78 -11.69
C ASN B 274 0.74 3.66 -12.87
N TYR B 275 -0.28 3.81 -13.71
CA TYR B 275 -0.36 4.94 -14.64
C TYR B 275 -1.14 6.06 -13.97
N GLU B 276 -0.52 7.23 -13.83
CA GLU B 276 -1.09 8.33 -13.05
C GLU B 276 -1.72 9.43 -13.92
N GLY B 277 -1.87 9.16 -15.22
CA GLY B 277 -2.73 10.01 -16.03
C GLY B 277 -4.18 9.94 -15.55
N PRO B 278 -5.04 10.85 -16.01
CA PRO B 278 -4.79 11.75 -17.13
C PRO B 278 -4.03 13.04 -16.81
N ASN B 279 -3.82 13.34 -15.52
CA ASN B 279 -3.14 14.58 -15.14
C ASN B 279 -1.80 14.68 -15.88
N GLY B 280 -1.56 15.80 -16.56
CA GLY B 280 -0.39 15.90 -17.42
C GLY B 280 0.91 15.93 -16.65
N ASP B 281 0.90 16.50 -15.45
CA ASP B 281 2.09 16.56 -14.62
C ASP B 281 2.45 15.21 -14.02
N LEU B 282 1.44 14.46 -13.62
CA LEU B 282 1.67 13.16 -12.99
C LEU B 282 1.96 12.05 -13.99
N LYS B 283 1.49 12.20 -15.23
CA LYS B 283 1.54 11.02 -16.10
C LYS B 283 2.96 10.52 -16.40
N GLY B 284 3.94 11.41 -16.35
CA GLY B 284 5.34 11.04 -16.52
C GLY B 284 6.12 10.86 -15.22
N GLY B 285 5.44 10.86 -14.08
CA GLY B 285 6.12 10.85 -12.78
C GLY B 285 6.97 9.64 -12.51
N LYS B 286 6.68 8.51 -13.16
CA LYS B 286 7.54 7.34 -13.04
C LYS B 286 8.98 7.66 -13.42
N THR B 287 9.20 8.69 -14.23
CA THR B 287 10.54 9.07 -14.60
C THR B 287 11.32 9.45 -13.35
N ILE B 288 10.74 10.32 -12.56
CA ILE B 288 11.39 10.78 -11.32
C ILE B 288 11.46 9.66 -10.30
N LEU B 289 10.42 8.86 -10.20
CA LEU B 289 10.46 7.74 -9.27
C LEU B 289 11.60 6.78 -9.64
N MET B 290 11.69 6.35 -10.89
CA MET B 290 12.70 5.35 -11.27
C MET B 290 14.10 5.89 -11.08
N ARG B 291 14.30 7.18 -11.35
CA ARG B 291 15.62 7.81 -11.16
C ARG B 291 16.08 7.62 -9.71
N ASN B 292 15.15 7.83 -8.78
CA ASN B 292 15.47 7.77 -7.36
C ASN B 292 15.46 6.36 -6.79
N LEU B 293 14.59 5.49 -7.27
CA LEU B 293 14.63 4.10 -6.85
C LEU B 293 15.97 3.49 -7.22
N ALA B 294 16.57 3.89 -8.33
CA ALA B 294 17.88 3.37 -8.71
C ALA B 294 18.94 3.72 -7.65
N HIS B 295 18.83 4.89 -7.04
CA HIS B 295 19.78 5.26 -5.98
C HIS B 295 19.66 4.31 -4.80
N LEU B 296 18.45 4.03 -4.37
CA LEU B 296 18.25 3.09 -3.28
C LEU B 296 18.73 1.69 -3.66
N GLN B 297 18.40 1.24 -4.86
CA GLN B 297 18.78 -0.07 -5.36
C GLN B 297 20.28 -0.25 -5.27
N LYS B 298 21.03 0.72 -5.78
CA LYS B 298 22.49 0.66 -5.79
C LYS B 298 23.02 0.62 -4.36
N THR B 299 22.50 1.47 -3.49
CA THR B 299 22.97 1.54 -2.11
C THR B 299 22.74 0.21 -1.40
N LEU B 300 21.57 -0.37 -1.53
CA LEU B 300 21.30 -1.65 -0.89
C LEU B 300 22.14 -2.76 -1.50
N ASP B 301 22.28 -2.79 -2.82
CA ASP B 301 23.05 -3.84 -3.46
C ASP B 301 24.52 -3.79 -2.97
N GLU B 302 25.09 -2.58 -2.92
CA GLU B 302 26.52 -2.42 -2.64
C GLU B 302 26.85 -2.60 -1.19
N THR B 303 25.94 -2.24 -0.30
CA THR B 303 26.20 -2.31 1.15
C THR B 303 25.73 -3.60 1.82
N GLY B 304 24.91 -4.37 1.12
CA GLY B 304 24.33 -5.60 1.64
C GLY B 304 23.32 -5.42 2.74
N GLN B 305 22.85 -4.18 2.93
CA GLN B 305 21.88 -3.90 3.95
C GLN B 305 20.46 -4.25 3.45
N TYR B 306 19.56 -4.49 4.40
CA TYR B 306 18.18 -4.91 4.11
C TYR B 306 18.15 -6.00 3.02
N PRO B 307 18.90 -7.09 3.23
CA PRO B 307 19.09 -8.02 2.12
C PRO B 307 17.81 -8.70 1.58
N GLU B 308 16.87 -9.03 2.46
CA GLU B 308 15.63 -9.64 2.02
C GLU B 308 14.85 -8.66 1.17
N PHE B 309 14.68 -7.44 1.66
CA PHE B 309 14.00 -6.42 0.86
C PHE B 309 14.75 -6.14 -0.44
N SER B 310 16.08 -6.00 -0.37
CA SER B 310 16.86 -5.71 -1.56
C SER B 310 16.57 -6.73 -2.67
N ALA B 311 16.54 -8.02 -2.32
CA ALA B 311 16.25 -9.04 -3.34
C ALA B 311 14.85 -8.87 -3.94
N GLU B 312 13.85 -8.66 -3.08
CA GLU B 312 12.46 -8.49 -3.53
C GLU B 312 12.33 -7.23 -4.40
N PHE B 313 12.99 -6.17 -3.95
CA PHE B 313 12.99 -4.85 -4.62
C PHE B 313 13.62 -4.96 -6.00
N ASP B 314 14.78 -5.61 -6.08
CA ASP B 314 15.47 -5.75 -7.35
C ASP B 314 14.61 -6.57 -8.34
N GLU B 315 13.98 -7.63 -7.84
CA GLU B 315 13.13 -8.47 -8.68
C GLU B 315 11.93 -7.66 -9.21
N TRP B 316 11.34 -6.87 -8.32
CA TRP B 316 10.18 -6.05 -8.70
C TRP B 316 10.57 -4.95 -9.70
N LEU B 317 11.72 -4.34 -9.47
CA LEU B 317 12.21 -3.36 -10.45
C LEU B 317 12.43 -3.98 -11.83
N ALA B 318 13.07 -5.14 -11.86
CA ALA B 318 13.34 -5.80 -13.13
C ALA B 318 12.03 -6.18 -13.82
N PHE B 319 11.06 -6.67 -13.04
CA PHE B 319 9.74 -7.02 -13.57
C PHE B 319 9.08 -5.79 -14.22
N ASN B 320 9.12 -4.65 -13.52
CA ASN B 320 8.57 -3.42 -14.08
C ASN B 320 9.27 -2.94 -15.35
N ILE B 321 10.60 -2.98 -15.32
CA ILE B 321 11.39 -2.53 -16.47
C ILE B 321 11.13 -3.39 -17.70
N GLU B 322 11.08 -4.72 -17.48
CA GLU B 322 10.77 -5.68 -18.54
C GLU B 322 9.37 -5.44 -19.10
N MET B 323 8.41 -5.20 -18.19
CA MET B 323 7.02 -4.92 -18.58
C MET B 323 6.98 -3.66 -19.46
N ALA B 324 7.67 -2.60 -19.04
CA ALA B 324 7.71 -1.40 -19.85
C ALA B 324 8.29 -1.68 -21.25
N TRP B 325 9.44 -2.34 -21.28
CA TRP B 325 10.18 -2.68 -22.51
CA TRP B 325 10.02 -2.56 -22.59
C TRP B 325 9.35 -3.62 -23.44
N SER B 326 8.59 -4.52 -22.80
CA SER B 326 7.69 -5.45 -23.50
CA SER B 326 7.72 -5.45 -23.55
C SER B 326 6.66 -4.66 -24.30
N HIS B 327 6.44 -3.42 -23.86
CA HIS B 327 5.39 -2.57 -24.43
C HIS B 327 5.87 -1.53 -25.43
N GLN B 328 7.12 -1.66 -25.86
CA GLN B 328 7.63 -0.74 -26.84
C GLN B 328 6.96 -0.96 -28.18
N ASN B 329 6.83 0.11 -28.93
CA ASN B 329 6.38 -0.04 -30.28
C ASN B 329 7.55 -0.17 -31.24
N SER B 330 7.27 -0.19 -32.55
CA SER B 330 8.31 -0.45 -33.52
C SER B 330 9.37 0.66 -33.60
N ASP B 331 9.03 1.87 -33.11
CA ASP B 331 9.99 2.96 -32.99
C ASP B 331 10.78 2.98 -31.68
N HIS B 332 10.62 1.94 -30.86
CA HIS B 332 11.28 1.79 -29.56
C HIS B 332 10.88 2.86 -28.56
N ILE B 333 9.62 3.30 -28.67
CA ILE B 333 9.02 4.25 -27.72
C ILE B 333 7.95 3.49 -26.91
N VAL B 334 7.94 3.75 -25.61
CA VAL B 334 7.03 3.08 -24.69
CA VAL B 334 7.06 3.09 -24.66
C VAL B 334 6.15 4.13 -24.01
N ASP B 335 4.85 4.02 -24.22
CA ASP B 335 3.96 4.96 -23.55
C ASP B 335 3.99 4.72 -22.03
N GLY B 336 3.69 5.77 -21.28
CA GLY B 336 3.71 5.67 -19.83
C GLY B 336 2.71 4.73 -19.16
N ASN B 337 1.70 4.28 -19.90
CA ASN B 337 0.79 3.27 -19.37
C ASN B 337 1.42 1.91 -19.61
N TRP B 338 2.33 1.55 -18.70
CA TRP B 338 3.15 0.38 -18.90
C TRP B 338 2.38 -0.92 -18.98
N ALA B 339 1.20 -0.97 -18.37
CA ALA B 339 0.36 -2.17 -18.38
C ALA B 339 -0.56 -2.24 -19.60
N GLY B 340 -0.56 -1.20 -20.42
CA GLY B 340 -1.59 -1.01 -21.43
C GLY B 340 -1.31 -1.75 -22.70
N GLN B 341 -2.01 -1.34 -23.76
CA GLN B 341 -1.95 -2.00 -25.06
C GLN B 341 -0.77 -1.62 -25.91
N LEU B 342 -0.55 -0.33 -26.07
CA LEU B 342 0.41 0.08 -27.05
C LEU B 342 1.00 1.40 -26.81
N LEU B 343 1.86 1.68 -27.76
CA LEU B 343 1.87 2.96 -28.30
C LEU B 343 1.60 2.87 -29.79
N SER B 344 0.48 3.44 -30.20
CA SER B 344 0.32 3.85 -31.58
C SER B 344 -0.21 5.29 -31.58
N GLY B 345 -0.20 5.94 -32.75
CA GLY B 345 -0.68 7.33 -32.87
C GLY B 345 0.34 8.29 -32.27
N THR B 346 -0.14 9.34 -31.60
CA THR B 346 0.71 10.38 -31.04
C THR B 346 1.38 9.91 -29.75
N TYR B 347 2.69 10.12 -29.67
CA TYR B 347 3.48 9.79 -28.50
C TYR B 347 3.81 11.05 -27.73
N GLU B 348 3.84 10.99 -26.40
CA GLU B 348 4.17 12.16 -25.57
C GLU B 348 5.49 11.98 -24.86
N SER B 349 6.29 13.03 -24.83
CA SER B 349 7.65 12.91 -24.29
C SER B 349 7.68 12.68 -22.77
N TRP B 350 6.81 13.30 -22.00
CA TRP B 350 6.88 13.09 -20.54
C TRP B 350 6.45 11.66 -20.22
N SER B 351 5.30 11.21 -20.73
CA SER B 351 4.87 9.84 -20.41
CA SER B 351 4.83 9.84 -20.53
C SER B 351 5.87 8.80 -20.94
N SER B 352 6.51 9.05 -22.09
CA SER B 352 7.44 8.12 -22.71
C SER B 352 8.82 8.12 -22.05
N ALA B 353 9.13 9.15 -21.26
CA ALA B 353 10.46 9.27 -20.66
C ALA B 353 10.72 8.20 -19.61
N ALA B 354 9.66 7.71 -18.94
CA ALA B 354 9.87 6.83 -17.81
C ALA B 354 10.56 5.54 -18.20
N ALA B 355 10.19 4.96 -19.32
CA ALA B 355 10.81 3.72 -19.74
C ALA B 355 12.26 3.97 -20.12
N VAL B 356 12.58 5.12 -20.69
CA VAL B 356 13.97 5.42 -21.03
C VAL B 356 14.77 5.52 -19.74
N GLN B 357 14.22 6.24 -18.77
CA GLN B 357 14.86 6.38 -17.48
C GLN B 357 15.14 5.01 -16.87
N ALA B 358 14.13 4.13 -16.88
CA ALA B 358 14.21 2.80 -16.29
C ALA B 358 15.38 1.98 -16.86
N LEU B 359 15.68 2.19 -18.13
CA LEU B 359 16.79 1.46 -18.78
C LEU B 359 18.13 2.14 -18.65
N ASN B 360 18.16 3.31 -18.00
CA ASN B 360 19.37 4.06 -17.79
C ASN B 360 19.64 4.26 -16.30
N GLY B 361 19.43 3.17 -15.57
CA GLY B 361 19.63 3.10 -14.12
C GLY B 361 21.03 2.67 -13.71
#